data_8WG4
#
_entry.id   8WG4
#
_cell.length_a   1.00
_cell.length_b   1.00
_cell.length_c   1.00
_cell.angle_alpha   90.00
_cell.angle_beta   90.00
_cell.angle_gamma   90.00
#
_symmetry.space_group_name_H-M   'P 1'
#
loop_
_entity.id
_entity.type
_entity.pdbx_description
1 polymer 'CSC1-like protein 2,Green fluorescent protein'
2 non-polymer 1-palmitoyl-2-oleoyl-sn-glycero-3-phosphocholine
3 non-polymer 'CHOLESTEROL HEMISUCCINATE'
#
_entity_poly.entity_id   1
_entity_poly.type   'polypeptide(L)'
_entity_poly.pdbx_seq_one_letter_code
;MLPFLLATLGTAALNSSNPKDYCYSARIRSTVLQGLPFGGVPTVLALDFMCFLALLFLFSILRKVAWDYGRLALVTDADR
LRRQERERVEQEYVASAMHGDSHDRYERLTSVSSSVDFDQRDNGF(P1L)SWLTAIFRIKDDEIRDKCGGDAVHYLSFQR
HIIGLLVVVGVLSVGIVLPVNFSGDLLENNAYSFGRTTIANLKSGNNLLWLHTSFAFLYLLLTVYSMRRHTSKMRYKEDD
LVKRTLFINGISKYAESEKIKKHFEEAYPNCTVLEARPCYNVARLMFLDAERKKAERGKLYFTNLQSKENVPAMINPKPC
GHLCCCVVRGCEQVEAIEYYTKLEQRLKEDYRREKEKVNEKPLGMAFVTFHNETITAIILKDFNVCKCQGCTCRGEPRAS
SCSEALHISNWTVTYAPDPQNIYWEHLSIRGFIWWLRCLVINVVLFILLFFLTTPAIIITTMDKFNVTKPVEYLNNPIIT
QFFPTLLLWCFSALLPTIVYYSAFFEAHWTRSGENRTTMHKCYTFLIFMVLLLPSLGLSSLDLFFRWLFDKKFLAEAAIR
FECVFLPDNGAFFVNYVIASAFIGNAMDLLRIPGLLMYMIRLCLARSAAERRNVKRHQAYEFQFGAAYAWMMCVFTVVMT
YSITCPIIVPFGLMYMLLKHLVDRYNLYYAYLPAKLDKKIHSGAVNQVVAAPILCLFWLLFFSTMRTGFLAPTSMFTFVV
LVITIVICLCHVCFGHFKYLSAHNYKIEHTETDAVSSRSNGRPPTAGAVPKSAKYIAQVLQDSEGDGDGDGAPGSSGDEP
PSSSSQDEELLMPPDGLTDTDFQSCEDSLIENEIHQGTENLYFQGSAAAAVSKGEELFTGVVPILVELDGDVNGHKFSVS
GEGEGDATYGKLTLKFICTTGKLPVPWPTLVTTLTYGVQCFSRYPDHMKQHDFFKSAMPEGYVQERTIFFKDDGNYKTRA
EVKFEGDTLVNRIELKGIDFKEDGNILGHKLEYNYNSHNVYIMADKQKNGIKVNFKIRHNIEDGSVQLADHYQQNTPIGD
GPVLLPDNHYLSTQSKLSKDPNEKRDHMVLLEFVTAAGITLGMDELYKSGLRSWSHPQFEKGGGSGGGSGGSAWSHPQFE
K
;
_entity_poly.pdbx_strand_id   A
#
loop_
_chem_comp.id
_chem_comp.type
_chem_comp.name
_chem_comp.formula
LBN non-polymer 1-palmitoyl-2-oleoyl-sn-glycero-3-phosphocholine 'C42 H82 N O8 P'
Y01 non-polymer 'CHOLESTEROL HEMISUCCINATE' 'C31 H50 O4'
#
# COMPACT_ATOMS: atom_id res chain seq x y z
N ASN A 18 -3.20 -40.11 -3.44
CA ASN A 18 -2.42 -39.60 -4.61
C ASN A 18 -2.08 -38.12 -4.45
N PRO A 19 -3.05 -37.16 -4.46
CA PRO A 19 -2.72 -35.73 -4.33
C PRO A 19 -2.38 -35.33 -2.89
N LYS A 20 -1.13 -35.62 -2.50
CA LYS A 20 -0.66 -35.39 -1.13
C LYS A 20 0.78 -34.86 -1.15
N ASP A 21 1.66 -35.54 -1.91
CA ASP A 21 3.08 -35.23 -1.97
C ASP A 21 3.36 -33.88 -2.63
N TYR A 22 2.32 -33.21 -3.18
CA TYR A 22 2.51 -31.89 -3.78
C TYR A 22 1.44 -30.88 -3.34
N CYS A 23 0.16 -31.28 -3.25
CA CYS A 23 -0.89 -30.30 -3.00
C CYS A 23 -0.78 -29.65 -1.63
N TYR A 24 -0.05 -30.27 -0.67
CA TYR A 24 0.22 -29.65 0.62
C TYR A 24 1.69 -29.19 0.74
N SER A 25 2.32 -28.78 -0.37
CA SER A 25 3.76 -28.48 -0.44
C SER A 25 4.05 -27.01 -0.16
N ALA A 26 3.10 -26.14 -0.52
CA ALA A 26 3.28 -24.69 -0.54
C ALA A 26 2.81 -24.01 0.75
N ARG A 27 2.32 -24.79 1.73
CA ARG A 27 2.15 -24.33 3.11
C ARG A 27 2.55 -25.45 4.05
N ILE A 28 3.17 -25.12 5.19
CA ILE A 28 3.44 -26.12 6.20
C ILE A 28 2.11 -26.57 6.83
N ARG A 29 2.07 -27.82 7.32
CA ARG A 29 0.85 -28.60 7.36
C ARG A 29 0.16 -28.54 8.72
N SER A 30 -1.06 -29.09 8.76
CA SER A 30 -2.07 -28.83 9.79
C SER A 30 -1.62 -29.25 11.20
N THR A 31 -2.06 -28.47 12.21
CA THR A 31 -1.88 -28.78 13.61
C THR A 31 -3.20 -29.31 14.21
N VAL A 32 -3.14 -30.50 14.83
CA VAL A 32 -4.30 -31.22 15.38
C VAL A 32 -5.44 -31.28 14.35
N LEU A 33 -5.08 -31.62 13.10
CA LEU A 33 -5.96 -31.71 11.94
C LEU A 33 -6.78 -30.43 11.69
N GLN A 34 -6.35 -29.30 12.30
CA GLN A 34 -7.01 -27.99 12.32
C GLN A 34 -8.35 -28.02 13.08
N GLY A 35 -8.58 -29.07 13.90
CA GLY A 35 -9.88 -29.36 14.50
C GLY A 35 -10.74 -30.27 13.62
N LEU A 36 -11.42 -31.25 14.23
CA LEU A 36 -12.08 -32.33 13.50
C LEU A 36 -13.30 -31.85 12.70
N PRO A 37 -14.34 -31.19 13.26
CA PRO A 37 -15.57 -30.91 12.50
C PRO A 37 -15.42 -29.77 11.49
N PHE A 38 -16.21 -29.85 10.41
CA PHE A 38 -16.42 -28.84 9.37
C PHE A 38 -15.14 -28.05 9.05
N GLY A 39 -14.07 -28.76 8.70
CA GLY A 39 -12.86 -28.12 8.19
C GLY A 39 -12.23 -27.14 9.18
N GLY A 40 -12.49 -27.31 10.47
CA GLY A 40 -11.83 -26.51 11.49
C GLY A 40 -12.49 -25.16 11.75
N VAL A 41 -13.39 -24.69 10.87
CA VAL A 41 -13.98 -23.36 10.97
C VAL A 41 -14.67 -23.14 12.32
N PRO A 42 -15.49 -24.08 12.86
CA PRO A 42 -16.09 -23.90 14.17
C PRO A 42 -15.10 -23.75 15.33
N THR A 43 -13.87 -24.26 15.17
CA THR A 43 -12.86 -24.19 16.21
C THR A 43 -12.05 -22.91 16.06
N VAL A 44 -11.51 -22.66 14.86
CA VAL A 44 -10.66 -21.51 14.61
C VAL A 44 -11.42 -20.21 14.86
N LEU A 45 -12.69 -20.16 14.44
CA LEU A 45 -13.51 -18.97 14.65
C LEU A 45 -13.63 -18.62 16.12
N ALA A 46 -13.79 -19.61 17.01
CA ALA A 46 -13.91 -19.35 18.43
C ALA A 46 -12.57 -18.86 19.00
N LEU A 47 -11.43 -19.48 18.66
CA LEU A 47 -10.16 -19.06 19.21
C LEU A 47 -9.76 -17.65 18.74
N ASP A 48 -9.89 -17.36 17.44
CA ASP A 48 -9.51 -16.05 16.93
C ASP A 48 -10.40 -14.96 17.54
N PHE A 49 -11.68 -15.26 17.77
CA PHE A 49 -12.58 -14.33 18.45
C PHE A 49 -12.14 -14.08 19.90
N MET A 50 -11.70 -15.11 20.64
CA MET A 50 -11.15 -14.90 21.97
C MET A 50 -9.85 -14.07 21.93
N CYS A 51 -9.02 -14.23 20.90
CA CYS A 51 -7.87 -13.36 20.73
C CYS A 51 -8.29 -11.91 20.46
N PHE A 52 -9.39 -11.70 19.70
CA PHE A 52 -9.93 -10.37 19.49
C PHE A 52 -10.26 -9.71 20.83
N LEU A 53 -11.03 -10.40 21.68
CA LEU A 53 -11.40 -9.87 22.99
C LEU A 53 -10.15 -9.62 23.84
N ALA A 54 -9.12 -10.46 23.73
CA ALA A 54 -7.91 -10.28 24.50
C ALA A 54 -7.11 -9.06 24.04
N LEU A 55 -6.89 -8.93 22.71
CA LEU A 55 -6.07 -7.87 22.16
C LEU A 55 -6.74 -6.51 22.29
N LEU A 56 -8.09 -6.43 22.22
CA LEU A 56 -8.80 -5.17 22.45
C LEU A 56 -8.86 -4.81 23.93
N PHE A 57 -8.87 -5.79 24.84
CA PHE A 57 -8.70 -5.49 26.26
C PHE A 57 -7.29 -4.93 26.49
N LEU A 58 -6.27 -5.57 25.89
CA LEU A 58 -4.90 -5.08 25.95
C LEU A 58 -4.80 -3.66 25.38
N PHE A 59 -5.31 -3.44 24.17
CA PHE A 59 -5.26 -2.12 23.55
C PHE A 59 -5.97 -1.08 24.42
N SER A 60 -7.04 -1.42 25.13
CA SER A 60 -7.71 -0.48 26.02
C SER A 60 -6.77 0.05 27.12
N ILE A 61 -5.78 -0.76 27.54
CA ILE A 61 -4.79 -0.33 28.53
C ILE A 61 -3.61 0.35 27.84
N LEU A 62 -3.01 -0.33 26.85
CA LEU A 62 -1.78 0.09 26.19
C LEU A 62 -1.93 1.45 25.50
N ARG A 63 -3.11 1.73 24.92
CA ARG A 63 -3.45 3.00 24.28
C ARG A 63 -3.29 4.17 25.25
N LYS A 64 -3.87 4.02 26.46
CA LYS A 64 -4.02 5.12 27.40
C LYS A 64 -2.78 5.24 28.30
N VAL A 65 -2.04 4.13 28.53
CA VAL A 65 -0.91 4.08 29.46
C VAL A 65 0.46 4.21 28.76
N ALA A 66 0.72 3.47 27.67
CA ALA A 66 2.08 3.31 27.15
C ALA A 66 2.51 4.48 26.26
N TRP A 67 2.83 5.64 26.90
CA TRP A 67 3.35 6.84 26.28
C TRP A 67 2.51 7.33 25.09
N ASP A 68 1.17 7.29 25.24
CA ASP A 68 0.23 8.00 24.38
C ASP A 68 0.27 7.55 22.91
N TYR A 69 0.95 6.43 22.60
CA TYR A 69 1.31 6.08 21.23
C TYR A 69 0.08 5.84 20.33
N GLY A 70 -1.09 5.53 20.92
CA GLY A 70 -2.31 5.28 20.17
C GLY A 70 -3.22 6.50 20.05
N ARG A 71 -2.73 7.66 20.53
CA ARG A 71 -3.56 8.82 20.84
C ARG A 71 -2.86 10.12 20.39
N LEU A 72 -1.76 10.02 19.63
CA LEU A 72 -0.85 11.13 19.38
C LEU A 72 -1.48 12.22 18.53
N ALA A 73 -2.21 11.84 17.46
CA ALA A 73 -2.63 12.80 16.44
C ALA A 73 -4.01 13.40 16.72
N LEU A 74 -4.36 13.59 18.01
CA LEU A 74 -5.46 14.46 18.37
C LEU A 74 -4.96 15.91 18.50
N ASN A 123 -11.93 11.23 28.44
CA ASN A 123 -12.07 9.83 27.99
C ASN A 123 -12.23 8.88 29.18
N GLY A 124 -13.36 8.16 29.23
CA GLY A 124 -13.49 6.96 30.04
C GLY A 124 -12.80 5.76 29.38
N PHE A 125 -12.82 4.61 30.08
CA PHE A 125 -12.09 3.41 29.69
C PHE A 125 -12.37 3.02 28.23
O P1L A 126 -15.35 3.56 24.69
N P1L A 126 -13.66 3.08 27.83
CA P1L A 126 -14.08 2.65 26.52
CB P1L A 126 -15.11 1.56 26.63
SG P1L A 126 -14.69 0.21 25.49
C7 P1L A 126 -15.22 -1.31 26.17
O7 P1L A 126 -15.94 -1.37 27.13
C8 P1L A 126 -14.61 -2.51 25.50
C9 P1L A 126 -13.22 -2.84 25.96
C10 P1L A 126 -12.54 -3.90 25.10
C11 P1L A 126 -13.06 -5.30 25.29
C12 P1L A 126 -14.22 -5.69 24.37
C13 P1L A 126 -13.87 -5.73 22.92
C14 P1L A 126 -15.02 -6.09 22.01
C15 P1L A 126 -16.11 -5.06 21.94
C16 P1L A 126 -17.02 -5.21 20.73
C17 P1L A 126 -16.68 -4.29 19.58
C18 P1L A 126 -15.28 -4.41 19.06
C19 P1L A 126 -14.98 -3.58 17.85
C20 P1L A 126 -13.53 -3.52 17.46
C P1L A 126 -14.63 3.81 25.66
C21 P1L A 126 -13.27 -2.75 16.17
C22 P1L A 126 -13.37 -1.26 16.31
N SER A 127 -14.23 5.05 25.95
CA SER A 127 -14.60 6.18 25.12
C SER A 127 -13.90 6.16 23.77
N TRP A 128 -12.79 5.39 23.64
CA TRP A 128 -12.21 5.12 22.34
C TRP A 128 -13.22 4.39 21.46
N LEU A 129 -13.86 3.34 22.00
CA LEU A 129 -14.78 2.50 21.23
C LEU A 129 -16.05 3.28 20.88
N THR A 130 -16.66 3.94 21.87
CA THR A 130 -17.87 4.71 21.63
C THR A 130 -17.63 5.86 20.64
N ALA A 131 -16.41 6.42 20.59
CA ALA A 131 -16.07 7.44 19.60
C ALA A 131 -16.16 6.87 18.18
N ILE A 132 -15.77 5.60 17.96
CA ILE A 132 -15.81 5.01 16.64
C ILE A 132 -17.23 5.09 16.08
N PHE A 133 -18.23 4.81 16.92
CA PHE A 133 -19.62 4.78 16.50
C PHE A 133 -20.25 6.17 16.44
N ARG A 134 -19.64 7.21 17.02
CA ARG A 134 -20.20 8.57 17.03
C ARG A 134 -19.66 9.48 15.92
N ILE A 135 -18.47 9.18 15.34
CA ILE A 135 -17.83 10.03 14.34
C ILE A 135 -18.73 10.26 13.11
N LYS A 136 -18.78 11.53 12.64
CA LYS A 136 -19.46 11.93 11.40
C LYS A 136 -18.49 11.94 10.22
N ASP A 137 -19.01 11.77 9.00
CA ASP A 137 -18.21 11.88 7.77
C ASP A 137 -17.67 13.31 7.57
N ASP A 138 -18.51 14.33 7.84
CA ASP A 138 -18.11 15.73 7.80
C ASP A 138 -16.94 16.03 8.74
N GLU A 139 -16.91 15.36 9.90
CA GLU A 139 -15.91 15.59 10.91
C GLU A 139 -14.59 14.91 10.54
N ILE A 140 -14.65 13.77 9.83
CA ILE A 140 -13.48 13.20 9.18
C ILE A 140 -12.93 14.19 8.14
N ARG A 141 -13.79 14.82 7.35
CA ARG A 141 -13.34 15.75 6.31
C ARG A 141 -12.61 16.96 6.91
N ASP A 142 -13.18 17.57 7.96
CA ASP A 142 -12.56 18.71 8.64
C ASP A 142 -11.24 18.34 9.33
N LYS A 143 -11.05 17.07 9.71
CA LYS A 143 -9.90 16.61 10.48
C LYS A 143 -8.78 16.09 9.57
N CYS A 144 -9.16 15.32 8.53
CA CYS A 144 -8.24 14.51 7.75
C CYS A 144 -8.16 14.91 6.27
N GLY A 145 -9.09 15.74 5.80
CA GLY A 145 -9.10 16.15 4.39
C GLY A 145 -9.67 15.08 3.46
N GLY A 146 -9.69 15.41 2.16
CA GLY A 146 -10.46 14.68 1.17
C GLY A 146 -10.03 13.23 0.99
N ASP A 147 -8.75 12.92 1.24
CA ASP A 147 -8.23 11.59 0.98
C ASP A 147 -8.83 10.55 1.93
N ALA A 148 -9.07 10.96 3.19
CA ALA A 148 -9.68 10.10 4.18
C ALA A 148 -11.13 9.80 3.78
N VAL A 149 -11.88 10.82 3.33
CA VAL A 149 -13.26 10.68 2.94
C VAL A 149 -13.39 9.70 1.76
N HIS A 150 -12.54 9.84 0.73
CA HIS A 150 -12.64 8.96 -0.43
C HIS A 150 -12.21 7.54 -0.09
N TYR A 151 -11.21 7.39 0.78
CA TYR A 151 -10.81 6.07 1.27
C TYR A 151 -11.98 5.37 1.97
N LEU A 152 -12.64 6.03 2.92
CA LEU A 152 -13.80 5.47 3.58
C LEU A 152 -14.97 5.26 2.61
N SER A 153 -15.11 6.08 1.54
CA SER A 153 -16.11 5.85 0.51
C SER A 153 -15.80 4.61 -0.33
N PHE A 154 -14.54 4.24 -0.50
CA PHE A 154 -14.20 3.02 -1.22
C PHE A 154 -14.65 1.83 -0.41
N GLN A 155 -14.27 1.78 0.86
CA GLN A 155 -14.63 0.68 1.73
C GLN A 155 -16.13 0.51 1.78
N ARG A 156 -16.93 1.58 1.82
CA ARG A 156 -18.36 1.41 1.98
C ARG A 156 -19.00 0.79 0.74
N HIS A 157 -18.41 0.97 -0.45
CA HIS A 157 -18.91 0.29 -1.65
C HIS A 157 -18.59 -1.20 -1.60
N ILE A 158 -17.39 -1.58 -1.17
CA ILE A 158 -17.05 -2.98 -1.00
C ILE A 158 -17.88 -3.65 0.10
N ILE A 159 -18.26 -2.95 1.15
CA ILE A 159 -19.13 -3.55 2.13
C ILE A 159 -20.49 -3.83 1.51
N GLY A 160 -20.95 -3.02 0.56
CA GLY A 160 -22.21 -3.31 -0.10
C GLY A 160 -22.06 -4.44 -1.11
N LEU A 161 -21.00 -4.43 -1.94
CA LEU A 161 -20.73 -5.47 -2.92
C LEU A 161 -20.67 -6.86 -2.27
N LEU A 162 -20.01 -7.01 -1.11
CA LEU A 162 -19.98 -8.28 -0.42
C LEU A 162 -21.26 -8.51 0.39
N VAL A 163 -22.32 -7.72 0.16
CA VAL A 163 -23.66 -8.07 0.62
C VAL A 163 -24.52 -8.56 -0.54
N VAL A 164 -24.41 -8.00 -1.76
CA VAL A 164 -25.10 -8.61 -2.88
C VAL A 164 -24.45 -9.95 -3.24
N VAL A 165 -23.11 -9.98 -3.35
CA VAL A 165 -22.38 -11.23 -3.50
C VAL A 165 -22.65 -12.12 -2.28
N GLY A 166 -22.73 -11.53 -1.08
CA GLY A 166 -23.08 -12.28 0.12
C GLY A 166 -24.38 -13.06 -0.02
N VAL A 167 -25.47 -12.38 -0.36
CA VAL A 167 -26.77 -13.01 -0.44
C VAL A 167 -26.89 -13.93 -1.66
N LEU A 168 -26.19 -13.64 -2.78
CA LEU A 168 -26.29 -14.51 -3.94
C LEU A 168 -25.45 -15.78 -3.77
N SER A 169 -24.22 -15.68 -3.24
CA SER A 169 -23.41 -16.85 -2.95
C SER A 169 -24.06 -17.76 -1.91
N VAL A 170 -24.43 -17.23 -0.75
CA VAL A 170 -25.02 -18.08 0.26
C VAL A 170 -26.43 -18.49 -0.16
N GLY A 171 -27.19 -17.62 -0.81
CA GLY A 171 -28.58 -17.92 -1.06
C GLY A 171 -28.79 -18.93 -2.19
N ILE A 172 -27.90 -18.98 -3.19
CA ILE A 172 -28.17 -19.71 -4.42
C ILE A 172 -27.00 -20.63 -4.81
N VAL A 173 -25.73 -20.21 -4.65
CA VAL A 173 -24.61 -21.09 -4.98
C VAL A 173 -24.44 -22.18 -3.91
N LEU A 174 -24.69 -21.89 -2.63
CA LEU A 174 -24.47 -22.88 -1.58
C LEU A 174 -25.53 -23.98 -1.58
N PRO A 175 -26.85 -23.72 -1.66
CA PRO A 175 -27.84 -24.79 -1.68
C PRO A 175 -27.79 -25.65 -2.95
N VAL A 176 -27.38 -25.10 -4.08
CA VAL A 176 -27.15 -25.88 -5.27
C VAL A 176 -25.96 -26.83 -5.07
N ASN A 177 -24.86 -26.40 -4.43
CA ASN A 177 -23.77 -27.33 -4.16
C ASN A 177 -24.23 -28.46 -3.24
N PHE A 178 -24.96 -28.12 -2.16
CA PHE A 178 -25.30 -29.09 -1.13
C PHE A 178 -26.14 -30.23 -1.71
N SER A 179 -26.80 -29.99 -2.86
CA SER A 179 -27.59 -30.96 -3.59
C SER A 179 -26.79 -32.16 -4.12
N GLY A 180 -25.50 -31.97 -4.43
CA GLY A 180 -24.77 -32.92 -5.27
C GLY A 180 -24.36 -34.23 -4.58
N ASP A 181 -23.93 -35.19 -5.43
CA ASP A 181 -23.60 -36.56 -5.02
C ASP A 181 -22.10 -36.77 -4.77
N LEU A 182 -21.21 -36.06 -5.49
CA LEU A 182 -19.87 -36.55 -5.74
C LEU A 182 -18.97 -36.63 -4.50
N LEU A 183 -19.26 -35.88 -3.41
CA LEU A 183 -18.55 -35.98 -2.13
C LEU A 183 -19.48 -36.42 -0.98
N GLU A 184 -20.66 -37.00 -1.28
CA GLU A 184 -21.75 -37.14 -0.31
C GLU A 184 -21.36 -38.01 0.88
N ASN A 185 -20.75 -39.17 0.60
CA ASN A 185 -20.45 -40.19 1.61
C ASN A 185 -19.19 -39.84 2.42
N ASN A 186 -18.29 -39.05 1.82
CA ASN A 186 -16.96 -38.79 2.39
C ASN A 186 -17.07 -38.02 3.71
N ALA A 187 -16.02 -38.10 4.52
CA ALA A 187 -16.05 -37.63 5.90
C ALA A 187 -16.02 -36.11 6.01
N TYR A 188 -15.58 -35.42 4.95
CA TYR A 188 -15.23 -34.00 5.01
C TYR A 188 -16.48 -33.13 4.84
N SER A 189 -17.24 -32.89 5.92
CA SER A 189 -18.54 -32.24 5.86
C SER A 189 -18.47 -30.84 5.25
N PHE A 190 -17.36 -30.11 5.50
CA PHE A 190 -17.11 -28.79 4.91
C PHE A 190 -17.10 -28.83 3.39
N GLY A 191 -16.56 -29.91 2.84
CA GLY A 191 -16.42 -30.05 1.40
C GLY A 191 -17.73 -29.98 0.65
N ARG A 192 -18.83 -30.45 1.24
CA ARG A 192 -20.11 -30.41 0.55
C ARG A 192 -20.49 -28.99 0.14
N THR A 193 -20.15 -27.97 0.94
CA THR A 193 -20.54 -26.62 0.61
C THR A 193 -19.79 -26.10 -0.63
N THR A 194 -18.78 -26.80 -1.15
CA THR A 194 -17.94 -26.29 -2.22
C THR A 194 -18.25 -26.94 -3.58
N ILE A 195 -17.75 -26.34 -4.68
CA ILE A 195 -18.16 -26.71 -6.02
C ILE A 195 -17.81 -28.16 -6.35
N ALA A 196 -16.81 -28.72 -5.69
CA ALA A 196 -16.35 -30.08 -5.99
C ALA A 196 -17.44 -31.13 -5.81
N ASN A 197 -18.56 -30.80 -5.13
CA ASN A 197 -19.64 -31.74 -4.84
C ASN A 197 -20.58 -31.89 -6.07
N LEU A 198 -20.38 -31.17 -7.17
CA LEU A 198 -21.23 -31.35 -8.36
C LEU A 198 -20.76 -32.53 -9.24
N LYS A 199 -21.74 -33.26 -9.78
CA LYS A 199 -21.50 -34.24 -10.84
C LYS A 199 -21.16 -33.49 -12.13
N SER A 200 -20.27 -34.05 -12.97
CA SER A 200 -19.74 -33.35 -14.13
C SER A 200 -20.81 -33.12 -15.20
N GLY A 201 -21.77 -34.05 -15.34
CA GLY A 201 -22.73 -34.05 -16.42
C GLY A 201 -24.04 -33.33 -16.07
N ASN A 202 -23.91 -32.14 -15.47
CA ASN A 202 -25.06 -31.37 -15.00
C ASN A 202 -24.97 -29.91 -15.47
N ASN A 203 -26.10 -29.43 -16.01
CA ASN A 203 -26.26 -28.03 -16.39
C ASN A 203 -26.21 -27.11 -15.15
N LEU A 204 -26.20 -27.65 -13.92
CA LEU A 204 -25.95 -26.83 -12.75
C LEU A 204 -24.59 -26.10 -12.83
N LEU A 205 -23.64 -26.61 -13.63
CA LEU A 205 -22.40 -25.88 -13.83
C LEU A 205 -22.64 -24.59 -14.63
N TRP A 206 -23.69 -24.55 -15.46
CA TRP A 206 -24.09 -23.34 -16.18
C TRP A 206 -24.51 -22.25 -15.21
N LEU A 207 -25.25 -22.58 -14.13
CA LEU A 207 -25.51 -21.58 -13.12
C LEU A 207 -24.22 -21.03 -12.49
N HIS A 208 -23.21 -21.87 -12.22
CA HIS A 208 -22.00 -21.36 -11.59
C HIS A 208 -21.24 -20.44 -12.55
N THR A 209 -21.23 -20.79 -13.84
CA THR A 209 -20.65 -19.97 -14.89
C THR A 209 -21.36 -18.62 -14.97
N SER A 210 -22.70 -18.63 -15.01
CA SER A 210 -23.55 -17.45 -15.01
C SER A 210 -23.28 -16.47 -13.85
N PHE A 211 -23.21 -16.95 -12.61
CA PHE A 211 -22.91 -16.07 -11.50
C PHE A 211 -21.47 -15.56 -11.56
N ALA A 212 -20.49 -16.34 -12.00
CA ALA A 212 -19.14 -15.84 -12.11
C ALA A 212 -19.06 -14.67 -13.07
N PHE A 213 -19.97 -14.61 -14.06
CA PHE A 213 -20.13 -13.49 -14.98
C PHE A 213 -20.84 -12.32 -14.31
N LEU A 214 -21.98 -12.56 -13.64
CA LEU A 214 -22.71 -11.51 -12.93
C LEU A 214 -21.85 -10.76 -11.91
N TYR A 215 -20.97 -11.47 -11.20
CA TYR A 215 -20.13 -10.83 -10.21
C TYR A 215 -19.13 -9.86 -10.86
N LEU A 216 -18.80 -10.02 -12.13
CA LEU A 216 -17.98 -9.03 -12.80
C LEU A 216 -18.82 -7.77 -12.99
N LEU A 217 -20.06 -7.89 -13.49
CA LEU A 217 -20.88 -6.73 -13.78
C LEU A 217 -21.22 -5.96 -12.52
N LEU A 218 -21.56 -6.60 -11.40
CA LEU A 218 -21.82 -5.88 -10.15
C LEU A 218 -20.55 -5.19 -9.63
N THR A 219 -19.38 -5.77 -9.83
CA THR A 219 -18.14 -5.14 -9.40
C THR A 219 -17.83 -3.92 -10.27
N VAL A 220 -18.06 -3.99 -11.59
CA VAL A 220 -17.96 -2.83 -12.45
C VAL A 220 -18.98 -1.77 -12.03
N TYR A 221 -20.24 -2.12 -11.83
CA TYR A 221 -21.27 -1.16 -11.41
C TYR A 221 -20.96 -0.52 -10.06
N SER A 222 -20.37 -1.25 -9.14
CA SER A 222 -19.97 -0.71 -7.86
C SER A 222 -18.96 0.42 -8.02
N MET A 223 -17.94 0.23 -8.88
CA MET A 223 -16.92 1.23 -9.07
C MET A 223 -17.37 2.36 -9.99
N ARG A 224 -18.25 2.11 -10.95
CA ARG A 224 -18.83 3.20 -11.70
C ARG A 224 -19.69 4.08 -10.79
N ARG A 225 -20.45 3.50 -9.86
CA ARG A 225 -21.14 4.28 -8.85
C ARG A 225 -20.13 5.09 -8.04
N HIS A 226 -19.20 4.43 -7.33
CA HIS A 226 -18.25 5.09 -6.47
C HIS A 226 -17.59 6.28 -7.15
N THR A 227 -17.00 6.05 -8.31
CA THR A 227 -16.17 7.05 -8.95
C THR A 227 -16.99 8.30 -9.28
N SER A 228 -18.29 8.16 -9.65
CA SER A 228 -19.12 9.30 -9.95
C SER A 228 -19.43 10.15 -8.72
N LYS A 229 -19.55 9.53 -7.55
CA LYS A 229 -19.80 10.26 -6.31
C LYS A 229 -18.56 11.03 -5.84
N MET A 230 -17.37 10.60 -6.26
CA MET A 230 -16.12 10.98 -5.60
C MET A 230 -15.85 12.49 -5.68
N ARG A 231 -15.87 13.08 -6.89
CA ARG A 231 -15.80 14.52 -7.10
C ARG A 231 -14.74 15.19 -6.22
N TYR A 232 -13.48 14.77 -6.42
CA TYR A 232 -12.32 15.19 -5.63
C TYR A 232 -11.96 16.64 -5.87
N LYS A 233 -11.62 17.35 -4.78
CA LYS A 233 -11.40 18.79 -4.79
C LYS A 233 -9.93 19.11 -4.50
N GLU A 234 -9.34 19.98 -5.35
CA GLU A 234 -7.94 20.42 -5.20
C GLU A 234 -7.88 21.94 -5.28
N ASP A 235 -7.02 22.56 -4.47
CA ASP A 235 -7.03 24.00 -4.23
C ASP A 235 -6.67 24.79 -5.50
N ASP A 236 -7.17 26.03 -5.63
CA ASP A 236 -7.11 26.75 -6.90
C ASP A 236 -5.67 27.09 -7.30
N LEU A 237 -4.76 27.25 -6.32
CA LEU A 237 -3.35 27.50 -6.59
C LEU A 237 -2.74 26.35 -7.41
N VAL A 238 -3.27 25.13 -7.26
CA VAL A 238 -2.77 23.98 -8.00
C VAL A 238 -3.30 24.00 -9.43
N LYS A 239 -4.57 24.35 -9.60
CA LYS A 239 -5.23 24.30 -10.90
C LYS A 239 -4.59 25.27 -11.91
N ARG A 240 -3.88 26.31 -11.42
CA ARG A 240 -3.25 27.29 -12.30
C ARG A 240 -1.73 27.11 -12.38
N THR A 241 -1.16 26.01 -11.87
CA THR A 241 0.30 25.86 -11.84
C THR A 241 0.81 24.67 -12.67
N LEU A 242 1.74 24.96 -13.60
CA LEU A 242 2.40 23.95 -14.42
C LEU A 242 3.82 23.66 -13.94
N PHE A 243 4.18 22.38 -13.90
CA PHE A 243 5.54 21.94 -13.62
C PHE A 243 6.29 21.71 -14.95
N ILE A 244 7.24 22.58 -15.27
CA ILE A 244 7.99 22.50 -16.50
C ILE A 244 9.34 21.85 -16.20
N ASN A 245 9.54 20.67 -16.78
CA ASN A 245 10.69 19.81 -16.48
C ASN A 245 11.57 19.72 -17.73
N GLY A 246 12.87 19.98 -17.57
CA GLY A 246 13.83 19.82 -18.65
C GLY A 246 14.36 21.15 -19.22
N ILE A 247 14.00 22.27 -18.59
CA ILE A 247 14.44 23.59 -19.02
C ILE A 247 15.96 23.75 -18.86
N SER A 248 16.52 24.78 -19.54
CA SER A 248 17.92 25.14 -19.38
C SER A 248 18.25 25.44 -17.93
N LYS A 249 19.43 25.01 -17.46
CA LYS A 249 19.79 25.14 -16.05
C LYS A 249 19.91 26.61 -15.64
N TYR A 250 20.33 27.50 -16.55
CA TYR A 250 20.52 28.92 -16.24
C TYR A 250 19.29 29.77 -16.62
N ALA A 251 18.10 29.17 -16.60
CA ALA A 251 16.87 29.91 -16.78
C ALA A 251 16.48 30.63 -15.48
N GLU A 252 16.88 31.91 -15.37
CA GLU A 252 16.39 32.78 -14.31
C GLU A 252 14.89 33.04 -14.51
N SER A 253 14.20 33.41 -13.43
CA SER A 253 12.74 33.54 -13.39
C SER A 253 12.20 34.41 -14.54
N GLU A 254 12.90 35.52 -14.82
CA GLU A 254 12.46 36.51 -15.80
C GLU A 254 12.20 35.87 -17.17
N LYS A 255 13.10 35.02 -17.66
CA LYS A 255 12.98 34.50 -19.02
C LYS A 255 11.84 33.48 -19.12
N ILE A 256 11.60 32.69 -18.06
CA ILE A 256 10.47 31.76 -18.05
C ILE A 256 9.17 32.54 -18.14
N LYS A 257 9.03 33.58 -17.30
CA LYS A 257 7.88 34.49 -17.33
C LYS A 257 7.73 35.10 -18.73
N LYS A 258 8.82 35.68 -19.26
CA LYS A 258 8.80 36.43 -20.50
C LYS A 258 8.42 35.55 -21.69
N HIS A 259 8.82 34.27 -21.71
CA HIS A 259 8.47 33.35 -22.79
C HIS A 259 6.95 33.25 -22.98
N PHE A 260 6.22 32.89 -21.92
CA PHE A 260 4.78 32.76 -22.02
C PHE A 260 4.11 34.13 -22.23
N GLU A 261 4.57 35.17 -21.53
CA GLU A 261 3.93 36.49 -21.56
C GLU A 261 4.17 37.20 -22.90
N GLU A 262 5.10 36.67 -23.74
CA GLU A 262 5.23 37.02 -25.15
C GLU A 262 4.35 36.11 -26.01
N ALA A 263 4.44 34.79 -25.80
CA ALA A 263 4.03 33.81 -26.79
C ALA A 263 2.52 33.50 -26.78
N TYR A 264 1.80 33.78 -25.67
CA TYR A 264 0.40 33.39 -25.57
C TYR A 264 -0.49 34.64 -25.38
N PRO A 265 -1.72 34.67 -25.98
CA PRO A 265 -2.44 35.92 -26.21
C PRO A 265 -2.93 36.65 -24.96
N ASN A 266 -3.68 35.94 -24.10
CA ASN A 266 -4.29 36.51 -22.91
C ASN A 266 -3.44 36.22 -21.67
N CYS A 267 -2.13 36.08 -21.87
CA CYS A 267 -1.24 35.52 -20.87
C CYS A 267 -0.88 36.55 -19.79
N THR A 268 -0.71 36.04 -18.56
CA THR A 268 -0.04 36.77 -17.49
C THR A 268 0.49 35.72 -16.51
N VAL A 269 1.77 35.82 -16.15
CA VAL A 269 2.39 34.89 -15.23
C VAL A 269 2.61 35.58 -13.88
N LEU A 270 1.97 35.05 -12.83
CA LEU A 270 2.07 35.61 -11.48
C LEU A 270 3.42 35.23 -10.87
N GLU A 271 3.85 33.97 -11.05
CA GLU A 271 5.11 33.48 -10.54
C GLU A 271 5.78 32.49 -11.49
N ALA A 272 7.12 32.47 -11.51
CA ALA A 272 7.88 31.43 -12.17
C ALA A 272 9.08 31.09 -11.26
N ARG A 273 8.96 30.01 -10.48
CA ARG A 273 9.91 29.68 -9.44
C ARG A 273 10.75 28.48 -9.85
N PRO A 274 12.07 28.62 -10.13
CA PRO A 274 12.90 27.46 -10.44
C PRO A 274 13.14 26.62 -9.21
N CYS A 275 13.57 25.37 -9.42
CA CYS A 275 13.96 24.49 -8.32
C CYS A 275 15.46 24.56 -8.09
N TYR A 276 15.89 24.23 -6.85
CA TYR A 276 17.30 24.12 -6.51
C TYR A 276 17.57 22.87 -5.67
N ASN A 277 18.85 22.48 -5.58
CA ASN A 277 19.30 21.25 -4.90
C ASN A 277 19.23 21.43 -3.38
N VAL A 278 18.03 21.33 -2.81
CA VAL A 278 17.75 21.77 -1.45
C VAL A 278 18.11 20.72 -0.38
N ALA A 279 18.63 19.53 -0.77
CA ALA A 279 18.77 18.38 0.13
C ALA A 279 19.38 18.74 1.49
N ARG A 280 20.63 19.24 1.48
CA ARG A 280 21.36 19.44 2.73
C ARG A 280 20.86 20.69 3.47
N LEU A 281 20.25 21.64 2.77
CA LEU A 281 19.69 22.82 3.41
C LEU A 281 18.53 22.44 4.34
N MET A 282 17.73 21.44 3.97
CA MET A 282 16.66 20.95 4.83
C MET A 282 17.17 20.14 6.01
N PHE A 283 18.21 19.33 5.78
CA PHE A 283 18.90 18.63 6.86
C PHE A 283 19.32 19.62 7.94
N LEU A 284 20.08 20.66 7.56
CA LEU A 284 20.56 21.67 8.48
C LEU A 284 19.41 22.41 9.18
N ASP A 285 18.30 22.71 8.50
CA ASP A 285 17.17 23.36 9.15
C ASP A 285 16.64 22.51 10.32
N ALA A 286 16.48 21.21 10.09
CA ALA A 286 16.00 20.28 11.11
C ALA A 286 16.97 20.20 12.30
N GLU A 287 18.27 20.09 12.02
CA GLU A 287 19.30 20.09 13.05
C GLU A 287 19.25 21.40 13.85
N ARG A 288 19.19 22.55 13.16
CA ARG A 288 19.11 23.84 13.82
C ARG A 288 17.90 23.87 14.77
N LYS A 289 16.76 23.36 14.31
CA LYS A 289 15.56 23.28 15.13
C LYS A 289 15.79 22.40 16.36
N LYS A 290 16.47 21.25 16.25
CA LYS A 290 16.80 20.46 17.43
C LYS A 290 17.62 21.28 18.42
N ALA A 291 18.59 22.06 17.93
CA ALA A 291 19.44 22.88 18.79
C ALA A 291 18.62 23.90 19.55
N GLU A 292 17.73 24.62 18.84
CA GLU A 292 16.86 25.62 19.44
C GLU A 292 15.94 25.01 20.50
N ARG A 293 15.30 23.86 20.19
CA ARG A 293 14.41 23.17 21.11
C ARG A 293 15.13 22.80 22.40
N GLY A 294 16.38 22.34 22.29
CA GLY A 294 17.22 22.06 23.44
C GLY A 294 17.53 23.32 24.28
N LYS A 295 18.11 24.34 23.64
CA LYS A 295 18.49 25.59 24.27
C LYS A 295 17.33 26.19 25.06
N LEU A 296 16.16 26.27 24.41
CA LEU A 296 14.97 26.84 25.00
C LEU A 296 14.48 25.98 26.18
N TYR A 297 14.40 24.65 26.03
CA TYR A 297 13.89 23.82 27.10
C TYR A 297 14.81 23.89 28.34
N PHE A 298 16.13 23.69 28.16
CA PHE A 298 17.04 23.73 29.29
C PHE A 298 17.07 25.10 29.97
N THR A 299 16.90 26.20 29.20
CA THR A 299 16.71 27.52 29.78
C THR A 299 15.47 27.54 30.69
N ASN A 300 14.31 27.14 30.16
CA ASN A 300 13.03 27.18 30.87
C ASN A 300 13.05 26.26 32.09
N LEU A 301 13.73 25.10 31.99
CA LEU A 301 13.94 24.19 33.10
C LEU A 301 14.79 24.85 34.19
N GLN A 302 15.95 25.42 33.80
CA GLN A 302 16.90 25.98 34.76
C GLN A 302 16.32 27.20 35.48
N SER A 303 15.47 28.00 34.81
CA SER A 303 14.78 29.13 35.44
C SER A 303 13.86 28.71 36.60
N LYS A 304 13.42 27.43 36.62
CA LYS A 304 12.50 26.93 37.63
C LYS A 304 13.22 26.04 38.65
N GLU A 305 14.15 25.19 38.19
CA GLU A 305 14.90 24.28 39.03
C GLU A 305 16.06 24.98 39.75
N ASN A 306 16.56 26.09 39.19
CA ASN A 306 17.69 26.88 39.65
C ASN A 306 18.97 26.05 39.84
N VAL A 307 19.10 24.93 39.09
CA VAL A 307 20.28 24.07 39.07
C VAL A 307 20.53 23.65 37.60
N PRO A 308 21.80 23.65 37.11
CA PRO A 308 22.09 23.22 35.73
C PRO A 308 21.96 21.72 35.46
N ALA A 309 22.14 21.33 34.19
CA ALA A 309 22.08 19.95 33.75
C ALA A 309 23.21 19.64 32.76
N MET A 310 23.52 18.35 32.57
CA MET A 310 24.66 17.93 31.75
C MET A 310 24.28 16.72 30.88
N ILE A 311 24.88 16.66 29.68
CA ILE A 311 24.64 15.59 28.69
C ILE A 311 25.96 15.19 28.04
N ASN A 312 26.18 13.88 27.86
CA ASN A 312 27.34 13.37 27.14
C ASN A 312 27.23 13.74 25.66
N PRO A 313 28.26 14.40 25.05
CA PRO A 313 28.18 14.81 23.65
C PRO A 313 28.17 13.68 22.61
N LYS A 314 28.67 12.49 22.98
CA LYS A 314 28.67 11.34 22.07
C LYS A 314 27.29 10.68 22.06
N PRO A 315 26.94 9.91 20.99
CA PRO A 315 25.65 9.19 20.94
C PRO A 315 25.42 8.22 22.10
N CYS A 316 24.14 7.93 22.37
CA CYS A 316 23.70 6.99 23.39
C CYS A 316 24.27 7.34 24.78
N GLY A 317 24.16 8.62 25.14
CA GLY A 317 24.82 9.20 26.31
C GLY A 317 24.45 8.55 27.65
N HIS A 318 23.24 7.95 27.75
CA HIS A 318 22.78 7.32 28.98
C HIS A 318 23.68 6.14 29.40
N LEU A 319 24.36 5.52 28.43
CA LEU A 319 25.13 4.30 28.68
C LEU A 319 26.49 4.61 29.34
N CYS A 320 26.83 5.89 29.49
CA CYS A 320 28.06 6.34 30.13
C CYS A 320 27.95 6.26 31.66
N CYS A 321 27.82 5.03 32.17
CA CYS A 321 27.46 4.78 33.57
C CYS A 321 28.66 4.95 34.51
N CYS A 322 29.89 4.94 33.96
CA CYS A 322 31.11 5.14 34.74
C CYS A 322 32.15 5.85 33.89
N VAL A 323 33.02 6.66 34.54
CA VAL A 323 33.95 7.54 33.85
C VAL A 323 35.18 6.76 33.38
N VAL A 324 35.10 6.23 32.16
CA VAL A 324 36.24 5.72 31.40
C VAL A 324 36.14 6.30 29.99
N ARG A 325 36.88 7.41 29.76
CA ARG A 325 36.77 8.22 28.55
C ARG A 325 35.31 8.67 28.31
N GLY A 326 34.63 9.05 29.41
CA GLY A 326 33.20 9.31 29.41
C GLY A 326 32.83 10.72 28.95
N CYS A 327 33.16 11.72 29.78
CA CYS A 327 32.92 13.14 29.53
C CYS A 327 31.42 13.46 29.47
N GLU A 328 30.65 12.87 30.40
CA GLU A 328 29.20 13.10 30.49
C GLU A 328 28.88 14.49 31.03
N GLN A 329 29.86 15.19 31.62
CA GLN A 329 29.64 16.39 32.43
C GLN A 329 29.48 17.69 31.62
N VAL A 330 29.31 17.62 30.29
CA VAL A 330 29.18 18.84 29.48
C VAL A 330 27.82 19.48 29.70
N GLU A 331 27.81 20.78 30.04
CA GLU A 331 26.61 21.49 30.49
C GLU A 331 25.66 21.79 29.32
N ALA A 332 24.35 21.61 29.57
CA ALA A 332 23.31 21.66 28.54
C ALA A 332 23.25 23.01 27.84
N ILE A 333 23.29 24.11 28.62
CA ILE A 333 23.12 25.45 28.07
C ILE A 333 24.30 25.79 27.15
N GLU A 334 25.52 25.50 27.59
CA GLU A 334 26.72 25.76 26.79
C GLU A 334 26.69 24.91 25.53
N TYR A 335 26.39 23.62 25.68
CA TYR A 335 26.29 22.66 24.59
C TYR A 335 25.31 23.15 23.52
N TYR A 336 24.04 23.37 23.89
CA TYR A 336 23.03 23.82 22.94
C TYR A 336 23.36 25.20 22.36
N THR A 337 24.04 26.08 23.11
CA THR A 337 24.45 27.37 22.59
C THR A 337 25.46 27.22 21.45
N LYS A 338 26.58 26.52 21.70
CA LYS A 338 27.63 26.36 20.70
C LYS A 338 27.11 25.56 19.50
N LEU A 339 26.24 24.57 19.76
CA LEU A 339 25.60 23.77 18.71
C LEU A 339 24.73 24.65 17.81
N GLU A 340 23.86 25.48 18.40
CA GLU A 340 22.96 26.35 17.64
C GLU A 340 23.78 27.31 16.77
N GLN A 341 24.80 27.96 17.35
CA GLN A 341 25.65 28.89 16.61
C GLN A 341 26.36 28.18 15.44
N ARG A 342 26.90 26.97 15.67
CA ARG A 342 27.58 26.24 14.61
C ARG A 342 26.63 25.93 13.45
N LEU A 343 25.41 25.47 13.78
CA LEU A 343 24.43 25.11 12.76
C LEU A 343 23.94 26.34 12.00
N LYS A 344 23.68 27.46 12.69
CA LYS A 344 23.39 28.73 12.02
C LYS A 344 24.48 29.10 11.02
N GLU A 345 25.75 28.92 11.40
CA GLU A 345 26.88 29.31 10.56
C GLU A 345 26.90 28.47 9.27
N ASP A 346 26.78 27.14 9.37
CA ASP A 346 26.83 26.28 8.18
C ASP A 346 25.57 26.41 7.34
N TYR A 347 24.42 26.67 7.98
CA TYR A 347 23.17 26.90 7.28
C TYR A 347 23.29 28.08 6.32
N ARG A 348 23.88 29.21 6.76
CA ARG A 348 24.15 30.33 5.87
C ARG A 348 25.04 29.93 4.70
N ARG A 349 26.14 29.22 4.98
CA ARG A 349 27.06 28.79 3.93
C ARG A 349 26.35 27.95 2.87
N GLU A 350 25.46 27.03 3.30
CA GLU A 350 24.68 26.25 2.34
C GLU A 350 23.73 27.16 1.56
N LYS A 351 22.94 28.00 2.24
CA LYS A 351 21.93 28.82 1.59
C LYS A 351 22.52 29.67 0.47
N GLU A 352 23.70 30.27 0.68
CA GLU A 352 24.37 31.07 -0.32
C GLU A 352 24.89 30.22 -1.49
N LYS A 353 25.27 28.96 -1.21
CA LYS A 353 25.82 28.05 -2.21
C LYS A 353 24.73 27.46 -3.12
N VAL A 354 23.51 27.31 -2.60
CA VAL A 354 22.41 26.61 -3.28
C VAL A 354 22.06 27.27 -4.62
N ASN A 355 22.16 28.61 -4.73
CA ASN A 355 21.82 29.30 -5.97
C ASN A 355 22.78 28.99 -7.13
N GLU A 356 23.91 28.32 -6.85
CA GLU A 356 24.82 27.84 -7.89
C GLU A 356 24.52 26.39 -8.29
N LYS A 357 23.39 25.82 -7.81
CA LYS A 357 22.98 24.45 -8.11
C LYS A 357 21.53 24.38 -8.63
N PRO A 358 21.16 25.07 -9.73
CA PRO A 358 19.78 25.04 -10.22
C PRO A 358 19.51 23.70 -10.88
N LEU A 359 18.38 23.08 -10.54
CA LEU A 359 18.12 21.71 -10.98
C LEU A 359 17.60 21.66 -12.41
N GLY A 360 17.24 22.81 -13.01
CA GLY A 360 16.75 22.82 -14.38
C GLY A 360 15.33 22.28 -14.44
N MET A 361 14.47 22.88 -13.60
CA MET A 361 13.03 22.68 -13.60
C MET A 361 12.38 23.95 -13.04
N ALA A 362 11.10 24.18 -13.34
CA ALA A 362 10.40 25.32 -12.78
C ALA A 362 8.92 25.01 -12.54
N PHE A 363 8.33 25.66 -11.54
CA PHE A 363 6.89 25.74 -11.43
C PHE A 363 6.45 27.14 -11.85
N VAL A 364 5.44 27.23 -12.73
CA VAL A 364 4.94 28.51 -13.18
C VAL A 364 3.46 28.60 -12.82
N THR A 365 3.05 29.70 -12.17
CA THR A 365 1.67 29.90 -11.74
C THR A 365 1.06 31.04 -12.55
N PHE A 366 -0.02 30.73 -13.30
CA PHE A 366 -0.70 31.72 -14.13
C PHE A 366 -1.88 32.39 -13.44
N HIS A 367 -2.35 33.52 -13.99
CA HIS A 367 -3.48 34.27 -13.46
C HIS A 367 -4.84 33.66 -13.83
N ASN A 368 -4.86 32.77 -14.85
CA ASN A 368 -6.10 32.32 -15.48
C ASN A 368 -6.07 30.80 -15.67
N GLU A 369 -7.11 30.10 -15.20
CA GLU A 369 -7.15 28.64 -15.26
C GLU A 369 -7.25 28.14 -16.71
N THR A 370 -8.01 28.85 -17.55
CA THR A 370 -8.16 28.47 -18.95
C THR A 370 -6.83 28.57 -19.69
N ILE A 371 -6.05 29.63 -19.51
CA ILE A 371 -4.81 29.74 -20.27
C ILE A 371 -3.81 28.68 -19.80
N THR A 372 -3.84 28.30 -18.51
CA THR A 372 -3.05 27.17 -18.04
C THR A 372 -3.38 25.93 -18.88
N ALA A 373 -4.66 25.67 -19.10
CA ALA A 373 -5.09 24.54 -19.93
C ALA A 373 -4.55 24.68 -21.36
N ILE A 374 -4.68 25.86 -22.02
CA ILE A 374 -4.33 25.93 -23.44
C ILE A 374 -2.81 25.84 -23.64
N ILE A 375 -1.98 26.33 -22.71
CA ILE A 375 -0.55 26.07 -22.76
C ILE A 375 -0.33 24.56 -22.62
N LEU A 376 -0.94 23.93 -21.60
CA LEU A 376 -0.69 22.52 -21.33
C LEU A 376 -1.03 21.65 -22.56
N LYS A 377 -2.07 22.02 -23.31
CA LYS A 377 -2.42 21.35 -24.55
C LYS A 377 -1.39 21.65 -25.65
N ASP A 378 -0.94 22.90 -25.77
CA ASP A 378 -0.02 23.32 -26.83
C ASP A 378 1.31 22.54 -26.77
N PHE A 379 1.74 22.12 -25.57
CA PHE A 379 2.95 21.31 -25.38
C PHE A 379 2.68 19.80 -25.43
N ASN A 380 1.42 19.36 -25.49
CA ASN A 380 1.06 17.95 -25.55
C ASN A 380 0.39 17.56 -26.88
N VAL A 381 0.24 18.51 -27.81
CA VAL A 381 -0.24 18.26 -29.18
C VAL A 381 0.65 17.22 -29.87
N CYS A 382 0.10 16.50 -30.87
CA CYS A 382 0.84 15.50 -31.60
C CYS A 382 0.36 15.41 -33.05
N LYS A 383 1.22 15.81 -34.01
CA LYS A 383 0.88 15.85 -35.43
C LYS A 383 2.11 15.55 -36.31
N CYS A 384 1.85 15.29 -37.60
CA CYS A 384 2.85 14.73 -38.52
C CYS A 384 4.03 15.68 -38.77
N GLN A 385 5.26 15.11 -38.70
CA GLN A 385 6.46 15.66 -39.32
C GLN A 385 7.31 14.49 -39.85
N GLY A 386 8.38 14.79 -40.60
CA GLY A 386 9.11 13.83 -41.43
C GLY A 386 9.59 12.58 -40.68
N CYS A 387 9.99 12.73 -39.41
CA CYS A 387 10.47 11.61 -38.61
C CYS A 387 9.30 10.81 -38.04
N THR A 388 8.33 11.52 -37.43
CA THR A 388 7.24 10.92 -36.67
C THR A 388 6.14 11.96 -36.43
N CYS A 389 4.93 11.53 -36.07
CA CYS A 389 4.00 12.40 -35.38
C CYS A 389 4.61 12.78 -34.02
N ARG A 390 4.56 14.08 -33.67
CA ARG A 390 5.01 14.59 -32.38
C ARG A 390 4.55 16.03 -32.15
N GLY A 391 4.85 16.59 -30.97
CA GLY A 391 4.49 17.96 -30.62
C GLY A 391 5.42 19.00 -31.22
N GLU A 392 4.99 20.28 -31.17
CA GLU A 392 5.73 21.40 -31.71
C GLU A 392 5.44 22.67 -30.88
N PRO A 393 6.10 22.85 -29.71
CA PRO A 393 5.93 24.06 -28.92
C PRO A 393 6.54 25.30 -29.60
N ARG A 394 5.85 26.43 -29.43
CA ARG A 394 6.00 27.60 -30.30
C ARG A 394 7.21 28.48 -29.94
N ALA A 395 7.65 29.24 -30.94
CA ALA A 395 8.83 30.09 -30.86
C ALA A 395 8.57 31.39 -30.08
N SER A 396 9.67 32.10 -29.80
CA SER A 396 9.67 33.33 -29.01
C SER A 396 11.05 33.99 -29.12
N SER A 397 11.30 35.01 -28.28
CA SER A 397 12.60 35.66 -28.18
C SER A 397 13.64 34.78 -27.48
N CYS A 398 13.19 33.82 -26.65
CA CYS A 398 14.08 33.08 -25.77
C CYS A 398 14.05 31.56 -25.99
N SER A 399 13.39 31.07 -27.04
CA SER A 399 13.12 29.64 -27.21
C SER A 399 14.40 28.81 -27.31
N GLU A 400 15.48 29.41 -27.85
CA GLU A 400 16.75 28.72 -28.02
C GLU A 400 17.52 28.65 -26.71
N ALA A 401 17.68 29.79 -26.02
CA ALA A 401 18.40 29.87 -24.75
C ALA A 401 17.75 29.00 -23.67
N LEU A 402 16.41 28.88 -23.72
CA LEU A 402 15.64 28.10 -22.76
C LEU A 402 15.50 26.62 -23.19
N HIS A 403 16.02 26.25 -24.37
CA HIS A 403 15.92 24.90 -24.93
C HIS A 403 14.49 24.35 -24.86
N ILE A 404 13.56 25.05 -25.52
CA ILE A 404 12.16 24.65 -25.51
C ILE A 404 11.96 23.29 -26.18
N SER A 405 12.94 22.82 -26.95
CA SER A 405 12.93 21.48 -27.53
C SER A 405 12.70 20.38 -26.50
N ASN A 406 13.09 20.59 -25.23
CA ASN A 406 13.14 19.52 -24.23
C ASN A 406 12.00 19.57 -23.20
N TRP A 407 11.19 20.63 -23.19
CA TRP A 407 10.24 20.86 -22.09
C TRP A 407 9.18 19.77 -22.00
N THR A 408 8.97 19.26 -20.79
CA THR A 408 7.84 18.41 -20.43
C THR A 408 6.92 19.20 -19.52
N VAL A 409 5.63 19.35 -19.88
CA VAL A 409 4.72 20.23 -19.17
C VAL A 409 3.59 19.37 -18.56
N THR A 410 3.21 19.64 -17.32
CA THR A 410 2.25 18.82 -16.58
C THR A 410 1.62 19.67 -15.47
N TYR A 411 0.36 19.40 -15.07
CA TYR A 411 -0.16 20.06 -13.88
C TYR A 411 0.70 19.72 -12.68
N ALA A 412 1.10 20.74 -11.90
CA ALA A 412 1.93 20.53 -10.72
C ALA A 412 1.16 19.76 -9.64
N PRO A 413 1.83 18.93 -8.82
CA PRO A 413 1.20 18.38 -7.62
C PRO A 413 0.85 19.46 -6.61
N ASP A 414 0.04 19.14 -5.60
CA ASP A 414 -0.14 20.03 -4.46
C ASP A 414 1.21 20.20 -3.73
N PRO A 415 1.64 21.41 -3.32
CA PRO A 415 2.93 21.58 -2.67
C PRO A 415 3.25 20.81 -1.38
N GLN A 416 2.26 20.14 -0.75
CA GLN A 416 2.53 19.23 0.35
C GLN A 416 2.68 17.78 -0.13
N ASN A 417 2.32 17.53 -1.40
CA ASN A 417 2.50 16.24 -2.04
C ASN A 417 3.92 16.07 -2.59
N ILE A 418 4.76 17.11 -2.60
CA ILE A 418 6.08 17.09 -3.22
C ILE A 418 7.17 16.84 -2.18
N TYR A 419 8.17 16.02 -2.55
CA TYR A 419 9.38 15.84 -1.76
C TYR A 419 10.50 16.76 -2.28
N TRP A 420 10.69 17.92 -1.67
CA TRP A 420 11.67 18.87 -2.17
C TRP A 420 13.10 18.33 -2.09
N GLU A 421 13.35 17.27 -1.30
CA GLU A 421 14.67 16.66 -1.26
C GLU A 421 14.92 15.92 -2.57
N HIS A 422 13.95 15.07 -2.92
CA HIS A 422 14.10 14.07 -3.96
C HIS A 422 14.09 14.68 -5.36
N LEU A 423 13.65 15.93 -5.53
CA LEU A 423 13.74 16.62 -6.80
C LEU A 423 15.16 16.69 -7.33
N SER A 424 16.15 16.51 -6.44
CA SER A 424 17.57 16.53 -6.80
C SER A 424 17.96 15.40 -7.77
N ILE A 425 17.23 14.27 -7.74
CA ILE A 425 17.65 13.01 -8.33
C ILE A 425 16.88 12.74 -9.63
N ARG A 426 17.54 12.91 -10.78
CA ARG A 426 16.84 13.00 -12.05
C ARG A 426 17.65 12.38 -13.19
N GLY A 427 16.94 11.99 -14.25
CA GLY A 427 17.58 11.44 -15.44
C GLY A 427 18.12 10.02 -15.22
N PHE A 428 19.27 9.74 -15.82
CA PHE A 428 19.90 8.43 -15.86
C PHE A 428 20.07 7.83 -14.45
N ILE A 429 20.43 8.65 -13.47
CA ILE A 429 20.76 8.12 -12.16
C ILE A 429 19.49 7.65 -11.44
N TRP A 430 18.34 8.30 -11.61
CA TRP A 430 17.14 7.87 -10.92
C TRP A 430 16.73 6.47 -11.39
N TRP A 431 16.77 6.24 -12.71
CA TRP A 431 16.46 4.94 -13.27
C TRP A 431 17.48 3.87 -12.88
N LEU A 432 18.78 4.19 -12.90
CA LEU A 432 19.81 3.25 -12.49
C LEU A 432 19.60 2.82 -11.04
N ARG A 433 19.26 3.77 -10.17
CA ARG A 433 19.05 3.53 -8.75
C ARG A 433 17.76 2.75 -8.51
N CYS A 434 16.68 3.06 -9.23
CA CYS A 434 15.45 2.30 -9.07
C CYS A 434 15.61 0.88 -9.63
N LEU A 435 16.28 0.73 -10.77
CA LEU A 435 16.57 -0.57 -11.36
C LEU A 435 17.34 -1.46 -10.39
N VAL A 436 18.41 -0.96 -9.77
CA VAL A 436 19.22 -1.73 -8.84
C VAL A 436 18.36 -2.25 -7.68
N ILE A 437 17.55 -1.38 -7.07
CA ILE A 437 16.69 -1.82 -5.97
C ILE A 437 15.73 -2.91 -6.43
N ASN A 438 15.09 -2.74 -7.60
CA ASN A 438 14.07 -3.67 -8.05
C ASN A 438 14.64 -4.97 -8.63
N VAL A 439 15.85 -4.96 -9.21
CA VAL A 439 16.47 -6.20 -9.68
C VAL A 439 16.87 -7.05 -8.49
N VAL A 440 17.52 -6.46 -7.47
CA VAL A 440 17.95 -7.20 -6.29
C VAL A 440 16.74 -7.74 -5.53
N LEU A 441 15.71 -6.90 -5.37
CA LEU A 441 14.45 -7.33 -4.76
C LEU A 441 13.80 -8.46 -5.56
N PHE A 442 13.67 -8.32 -6.88
CA PHE A 442 12.92 -9.29 -7.69
C PHE A 442 13.60 -10.66 -7.68
N ILE A 443 14.94 -10.71 -7.68
CA ILE A 443 15.68 -11.97 -7.54
C ILE A 443 15.39 -12.60 -6.18
N LEU A 444 15.36 -11.82 -5.09
CA LEU A 444 15.02 -12.35 -3.79
C LEU A 444 13.59 -12.92 -3.80
N LEU A 445 12.60 -12.19 -4.35
CA LEU A 445 11.23 -12.67 -4.40
C LEU A 445 11.07 -13.88 -5.34
N PHE A 446 11.99 -14.08 -6.29
CA PHE A 446 11.91 -15.17 -7.24
C PHE A 446 12.16 -16.51 -6.56
N PHE A 447 13.14 -16.58 -5.65
CA PHE A 447 13.60 -17.83 -5.07
C PHE A 447 13.08 -18.04 -3.63
N LEU A 448 12.63 -16.97 -2.97
CA LEU A 448 12.05 -17.06 -1.64
C LEU A 448 10.65 -16.42 -1.65
N THR A 449 9.77 -16.84 -2.58
CA THR A 449 8.51 -16.12 -2.76
C THR A 449 7.55 -16.32 -1.60
N THR A 450 7.59 -17.52 -0.98
CA THR A 450 6.58 -17.95 -0.02
C THR A 450 7.27 -18.50 1.22
N PRO A 451 6.74 -18.27 2.46
CA PRO A 451 7.33 -18.84 3.66
C PRO A 451 7.65 -20.34 3.58
N ALA A 452 6.83 -21.15 2.89
CA ALA A 452 7.05 -22.58 2.84
C ALA A 452 8.43 -22.93 2.23
N ILE A 453 8.85 -22.26 1.14
CA ILE A 453 10.13 -22.60 0.52
C ILE A 453 11.29 -22.21 1.46
N ILE A 454 11.14 -21.16 2.26
CA ILE A 454 12.12 -20.80 3.26
C ILE A 454 12.25 -21.91 4.30
N ILE A 455 11.13 -22.36 4.91
CA ILE A 455 11.17 -23.39 5.95
C ILE A 455 11.66 -24.73 5.37
N THR A 456 11.23 -25.07 4.15
CA THR A 456 11.67 -26.30 3.50
C THR A 456 13.18 -26.27 3.23
N THR A 457 13.71 -25.15 2.71
CA THR A 457 15.14 -25.05 2.48
C THR A 457 15.91 -25.06 3.80
N MET A 458 15.38 -24.42 4.85
CA MET A 458 15.97 -24.53 6.17
C MET A 458 16.09 -26.00 6.59
N ASP A 459 15.01 -26.79 6.48
CA ASP A 459 14.99 -28.19 6.87
C ASP A 459 15.98 -29.02 6.03
N LYS A 460 16.09 -28.74 4.72
CA LYS A 460 17.03 -29.44 3.86
C LYS A 460 18.49 -29.17 4.25
N PHE A 461 18.76 -28.11 5.03
CA PHE A 461 20.10 -27.81 5.54
C PHE A 461 20.18 -27.93 7.07
N ASN A 462 19.17 -28.58 7.69
CA ASN A 462 19.13 -29.04 9.07
C ASN A 462 19.20 -27.89 10.10
N VAL A 463 18.88 -26.64 9.72
CA VAL A 463 19.10 -25.50 10.61
C VAL A 463 18.03 -25.42 11.72
N THR A 464 17.18 -26.44 11.85
CA THR A 464 16.31 -26.63 13.01
C THR A 464 17.10 -27.01 14.29
N LYS A 465 18.43 -27.20 14.15
CA LYS A 465 19.31 -27.75 15.19
C LYS A 465 19.14 -27.10 16.57
N PRO A 466 18.99 -25.76 16.73
CA PRO A 466 18.84 -25.15 18.06
C PRO A 466 17.65 -25.65 18.88
N VAL A 467 16.59 -26.16 18.22
CA VAL A 467 15.40 -26.64 18.91
C VAL A 467 15.73 -27.89 19.71
N GLU A 468 16.52 -28.81 19.13
CA GLU A 468 16.78 -30.11 19.73
C GLU A 468 17.83 -30.05 20.84
N TYR A 469 18.36 -28.87 21.17
CA TYR A 469 19.06 -28.66 22.44
C TYR A 469 18.13 -28.98 23.61
N LEU A 470 16.87 -28.54 23.51
CA LEU A 470 15.83 -28.81 24.51
C LEU A 470 14.98 -30.01 24.09
N ASN A 471 14.57 -30.05 22.81
CA ASN A 471 13.86 -31.17 22.19
C ASN A 471 12.52 -31.44 22.89
N ASN A 472 11.87 -30.37 23.40
CA ASN A 472 10.57 -30.50 24.03
C ASN A 472 9.50 -30.75 22.96
N PRO A 473 8.55 -31.69 23.16
CA PRO A 473 7.57 -32.06 22.13
C PRO A 473 6.53 -30.98 21.81
N ILE A 474 6.34 -30.01 22.72
CA ILE A 474 5.55 -28.82 22.43
C ILE A 474 6.28 -27.96 21.38
N ILE A 475 7.56 -27.67 21.65
CA ILE A 475 8.34 -26.74 20.84
C ILE A 475 8.56 -27.30 19.43
N THR A 476 8.93 -28.58 19.28
CA THR A 476 9.24 -29.13 17.96
C THR A 476 8.02 -29.12 17.03
N GLN A 477 6.80 -29.23 17.58
CA GLN A 477 5.57 -29.19 16.80
C GLN A 477 5.08 -27.76 16.56
N PHE A 478 5.38 -26.83 17.49
CA PHE A 478 4.91 -25.45 17.43
C PHE A 478 5.83 -24.59 16.55
N PHE A 479 7.14 -24.80 16.65
CA PHE A 479 8.17 -23.94 16.05
C PHE A 479 7.93 -23.69 14.56
N PRO A 480 7.62 -24.68 13.70
CA PRO A 480 7.34 -24.40 12.29
C PRO A 480 6.24 -23.37 12.07
N THR A 481 5.11 -23.48 12.80
CA THR A 481 4.01 -22.53 12.66
C THR A 481 4.47 -21.13 13.09
N LEU A 482 5.30 -21.05 14.13
CA LEU A 482 5.80 -19.77 14.63
C LEU A 482 6.69 -19.09 13.59
N LEU A 483 7.54 -19.85 12.88
CA LEU A 483 8.35 -19.31 11.80
C LEU A 483 7.52 -18.94 10.58
N LEU A 484 6.44 -19.67 10.25
CA LEU A 484 5.58 -19.26 9.15
C LEU A 484 4.96 -17.90 9.46
N TRP A 485 4.44 -17.68 10.68
CA TRP A 485 3.94 -16.38 11.09
C TRP A 485 5.01 -15.29 10.86
N CYS A 486 6.26 -15.62 11.20
CA CYS A 486 7.40 -14.73 11.10
C CYS A 486 7.66 -14.33 9.64
N PHE A 487 7.90 -15.29 8.75
CA PHE A 487 8.23 -14.97 7.36
C PHE A 487 7.04 -14.40 6.59
N SER A 488 5.82 -14.81 6.95
CA SER A 488 4.61 -14.28 6.33
C SER A 488 4.43 -12.79 6.62
N ALA A 489 4.78 -12.33 7.83
CA ALA A 489 4.76 -10.91 8.17
C ALA A 489 5.96 -10.14 7.62
N LEU A 490 7.09 -10.84 7.40
CA LEU A 490 8.36 -10.23 7.02
C LEU A 490 8.44 -9.96 5.51
N LEU A 491 8.02 -10.91 4.66
CA LEU A 491 8.27 -10.81 3.22
C LEU A 491 7.50 -9.66 2.56
N PRO A 492 6.20 -9.40 2.84
CA PRO A 492 5.53 -8.21 2.31
C PRO A 492 6.10 -6.91 2.85
N THR A 493 6.72 -6.93 4.04
CA THR A 493 7.38 -5.75 4.60
C THR A 493 8.66 -5.41 3.83
N ILE A 494 9.45 -6.41 3.42
CA ILE A 494 10.63 -6.21 2.58
C ILE A 494 10.24 -5.62 1.21
N VAL A 495 9.04 -5.91 0.69
CA VAL A 495 8.56 -5.26 -0.52
C VAL A 495 8.19 -3.81 -0.21
N TYR A 496 7.30 -3.62 0.76
CA TYR A 496 6.76 -2.32 1.13
C TYR A 496 7.86 -1.29 1.39
N TYR A 497 8.93 -1.66 2.12
CA TYR A 497 9.98 -0.72 2.47
C TYR A 497 10.86 -0.30 1.27
N SER A 498 10.88 -1.04 0.16
CA SER A 498 11.72 -0.68 -0.98
C SER A 498 11.31 0.68 -1.57
N ALA A 499 10.03 1.03 -1.47
CA ALA A 499 9.51 2.27 -2.01
C ALA A 499 10.14 3.49 -1.33
N PHE A 500 10.68 3.33 -0.12
CA PHE A 500 11.26 4.45 0.63
C PHE A 500 12.69 4.79 0.21
N PHE A 501 13.30 4.00 -0.71
CA PHE A 501 14.65 4.25 -1.17
C PHE A 501 14.73 4.64 -2.67
N GLU A 502 13.60 4.51 -3.39
CA GLU A 502 13.53 4.92 -4.78
C GLU A 502 13.54 6.44 -4.93
N ALA A 503 13.24 7.17 -3.84
CA ALA A 503 13.19 8.64 -3.84
C ALA A 503 12.23 9.15 -4.92
N HIS A 504 10.94 8.81 -4.75
CA HIS A 504 9.88 9.33 -5.58
C HIS A 504 9.78 10.83 -5.32
N TRP A 505 9.52 11.63 -6.37
CA TRP A 505 9.42 13.08 -6.26
C TRP A 505 8.16 13.53 -5.52
N THR A 506 7.19 12.63 -5.27
CA THR A 506 5.93 13.02 -4.70
C THR A 506 5.29 11.86 -3.92
N ARG A 507 4.55 12.19 -2.83
CA ARG A 507 3.87 11.20 -2.00
C ARG A 507 2.80 10.41 -2.76
N SER A 508 2.21 10.96 -3.82
CA SER A 508 1.43 10.17 -4.75
C SER A 508 2.26 9.03 -5.34
N GLY A 509 3.42 9.36 -5.91
CA GLY A 509 4.26 8.38 -6.58
C GLY A 509 4.68 7.24 -5.67
N GLU A 510 5.09 7.58 -4.43
CA GLU A 510 5.50 6.62 -3.42
C GLU A 510 4.36 5.66 -3.07
N ASN A 511 3.14 6.20 -2.89
CA ASN A 511 1.98 5.41 -2.52
C ASN A 511 1.47 4.56 -3.68
N ARG A 512 1.42 5.10 -4.91
CA ARG A 512 1.04 4.30 -6.05
C ARG A 512 2.01 3.12 -6.22
N THR A 513 3.31 3.40 -6.17
CA THR A 513 4.31 2.35 -6.25
C THR A 513 4.08 1.31 -5.15
N THR A 514 3.76 1.75 -3.94
CA THR A 514 3.48 0.84 -2.84
C THR A 514 2.27 -0.03 -3.13
N MET A 515 1.17 0.52 -3.68
CA MET A 515 -0.01 -0.28 -3.96
C MET A 515 0.33 -1.42 -4.90
N HIS A 516 0.90 -1.07 -6.05
CA HIS A 516 0.98 -2.02 -7.15
C HIS A 516 2.04 -3.10 -6.91
N LYS A 517 3.16 -2.74 -6.27
CA LYS A 517 4.17 -3.71 -5.88
C LYS A 517 3.63 -4.62 -4.78
N CYS A 518 3.12 -4.01 -3.71
CA CYS A 518 2.75 -4.75 -2.52
C CYS A 518 1.61 -5.72 -2.83
N TYR A 519 0.56 -5.23 -3.48
CA TYR A 519 -0.54 -6.06 -3.92
C TYR A 519 -0.12 -7.18 -4.84
N THR A 520 0.72 -6.89 -5.85
CA THR A 520 1.14 -7.92 -6.79
C THR A 520 1.88 -9.05 -6.08
N PHE A 521 2.79 -8.70 -5.17
CA PHE A 521 3.50 -9.72 -4.41
C PHE A 521 2.52 -10.52 -3.56
N LEU A 522 1.56 -9.86 -2.89
CA LEU A 522 0.63 -10.57 -2.03
C LEU A 522 -0.23 -11.54 -2.86
N ILE A 523 -0.64 -11.19 -4.08
CA ILE A 523 -1.44 -12.12 -4.86
C ILE A 523 -0.66 -13.39 -5.21
N PHE A 524 0.65 -13.33 -5.41
CA PHE A 524 1.42 -14.54 -5.56
C PHE A 524 1.71 -15.23 -4.20
N MET A 525 2.00 -14.50 -3.13
CA MET A 525 2.37 -15.11 -1.88
C MET A 525 1.15 -15.78 -1.22
N VAL A 526 -0.02 -15.11 -1.26
CA VAL A 526 -1.21 -15.51 -0.50
C VAL A 526 -2.14 -16.37 -1.36
N LEU A 527 -2.48 -15.94 -2.58
CA LEU A 527 -3.50 -16.63 -3.36
C LEU A 527 -2.89 -17.62 -4.35
N LEU A 528 -2.18 -17.18 -5.38
CA LEU A 528 -1.83 -18.03 -6.51
C LEU A 528 -0.89 -19.18 -6.16
N LEU A 529 0.31 -18.90 -5.67
CA LEU A 529 1.31 -19.95 -5.49
C LEU A 529 0.80 -21.05 -4.56
N PRO A 530 0.34 -20.81 -3.31
CA PRO A 530 -0.18 -21.89 -2.48
C PRO A 530 -1.48 -22.52 -2.96
N SER A 531 -2.20 -21.92 -3.91
CA SER A 531 -3.36 -22.58 -4.49
C SER A 531 -2.95 -23.72 -5.42
N LEU A 532 -2.08 -23.44 -6.41
CA LEU A 532 -1.64 -24.46 -7.35
C LEU A 532 -0.63 -25.41 -6.71
N GLY A 533 -0.21 -25.14 -5.46
CA GLY A 533 0.69 -26.03 -4.73
C GLY A 533 2.15 -25.87 -5.17
N LEU A 534 2.51 -24.66 -5.65
CA LEU A 534 3.86 -24.29 -6.04
C LEU A 534 4.45 -23.38 -4.96
N SER A 535 5.71 -23.60 -4.57
CA SER A 535 6.25 -22.89 -3.43
C SER A 535 6.93 -21.56 -3.81
N SER A 536 7.30 -21.37 -5.10
CA SER A 536 8.14 -20.24 -5.53
C SER A 536 7.89 -19.86 -6.99
N LEU A 537 8.25 -18.63 -7.37
CA LEU A 537 8.07 -18.16 -8.75
C LEU A 537 8.95 -18.92 -9.74
N ASP A 538 10.15 -19.34 -9.35
CA ASP A 538 10.96 -20.25 -10.14
C ASP A 538 10.12 -21.48 -10.51
N LEU A 539 9.56 -22.16 -9.51
CA LEU A 539 8.79 -23.38 -9.70
C LEU A 539 7.55 -23.13 -10.58
N PHE A 540 6.90 -21.96 -10.45
CA PHE A 540 5.76 -21.59 -11.26
C PHE A 540 6.15 -21.44 -12.74
N PHE A 541 7.20 -20.67 -13.07
CA PHE A 541 7.62 -20.52 -14.45
C PHE A 541 8.14 -21.84 -15.02
N ARG A 542 8.82 -22.66 -14.21
CA ARG A 542 9.26 -23.99 -14.61
C ARG A 542 8.09 -24.83 -15.10
N TRP A 543 7.00 -24.86 -14.32
CA TRP A 543 5.78 -25.59 -14.63
C TRP A 543 5.04 -25.00 -15.84
N LEU A 544 5.14 -23.68 -16.05
CA LEU A 544 4.44 -22.98 -17.14
C LEU A 544 5.18 -23.19 -18.47
N PHE A 545 6.51 -22.99 -18.50
CA PHE A 545 7.30 -23.20 -19.71
C PHE A 545 7.45 -24.70 -20.01
N ASP A 546 8.07 -25.45 -19.07
CA ASP A 546 8.05 -26.92 -19.01
C ASP A 546 8.38 -27.58 -20.36
N LYS A 547 7.69 -28.71 -20.64
CA LYS A 547 7.80 -29.49 -21.87
C LYS A 547 6.41 -29.91 -22.36
N LYS A 548 5.50 -30.27 -21.41
CA LYS A 548 4.21 -30.88 -21.73
C LYS A 548 3.05 -30.30 -20.89
N PHE A 549 3.13 -29.01 -20.54
CA PHE A 549 2.13 -28.31 -19.72
C PHE A 549 0.69 -28.64 -20.14
N LEU A 550 0.38 -28.49 -21.45
CA LEU A 550 -0.97 -28.65 -21.99
C LEU A 550 -1.55 -30.04 -21.74
N ALA A 551 -0.69 -31.04 -21.55
CA ALA A 551 -1.08 -32.44 -21.39
C ALA A 551 -1.15 -32.87 -19.92
N GLU A 552 -0.76 -32.01 -18.97
CA GLU A 552 -0.76 -32.40 -17.55
C GLU A 552 -1.19 -31.28 -16.58
N ALA A 553 -1.53 -30.08 -17.06
CA ALA A 553 -1.89 -28.97 -16.17
C ALA A 553 -3.06 -29.36 -15.26
N ALA A 554 -3.93 -30.26 -15.74
CA ALA A 554 -5.06 -30.78 -14.98
C ALA A 554 -4.63 -31.27 -13.59
N ILE A 555 -3.40 -31.79 -13.44
CA ILE A 555 -2.95 -32.33 -12.16
C ILE A 555 -2.76 -31.20 -11.13
N ARG A 556 -2.55 -29.96 -11.59
CA ARG A 556 -2.50 -28.80 -10.70
C ARG A 556 -3.88 -28.15 -10.58
N PHE A 557 -4.70 -28.11 -11.63
CA PHE A 557 -6.04 -27.59 -11.46
C PHE A 557 -6.82 -28.44 -10.45
N GLU A 558 -6.72 -29.79 -10.50
CA GLU A 558 -7.37 -30.68 -9.55
C GLU A 558 -6.91 -30.45 -8.10
N CYS A 559 -5.90 -29.61 -7.91
CA CYS A 559 -5.27 -29.31 -6.63
C CYS A 559 -5.92 -28.06 -6.00
N VAL A 560 -6.49 -27.18 -6.83
CA VAL A 560 -7.06 -25.91 -6.43
C VAL A 560 -8.41 -26.11 -5.73
N PHE A 561 -9.13 -27.19 -6.11
CA PHE A 561 -10.53 -27.43 -5.72
C PHE A 561 -10.67 -28.56 -4.68
N LEU A 562 -9.60 -28.95 -4.00
CA LEU A 562 -9.70 -29.86 -2.87
C LEU A 562 -10.47 -29.17 -1.73
N PRO A 563 -11.28 -29.92 -0.93
CA PRO A 563 -11.91 -29.34 0.26
C PRO A 563 -10.89 -28.70 1.21
N ASP A 564 -9.74 -29.36 1.45
CA ASP A 564 -8.71 -28.85 2.35
C ASP A 564 -8.25 -27.45 1.95
N ASN A 565 -8.14 -27.20 0.64
CA ASN A 565 -7.64 -25.94 0.17
C ASN A 565 -8.68 -24.83 0.37
N GLY A 566 -9.95 -25.12 0.12
CA GLY A 566 -11.04 -24.21 0.48
C GLY A 566 -11.07 -23.87 1.97
N ALA A 567 -10.92 -24.89 2.82
CA ALA A 567 -10.91 -24.71 4.26
C ALA A 567 -9.76 -23.81 4.68
N PHE A 568 -8.56 -23.98 4.11
CA PHE A 568 -7.42 -23.13 4.41
C PHE A 568 -7.73 -21.67 4.10
N PHE A 569 -8.32 -21.35 2.94
CA PHE A 569 -8.60 -19.96 2.61
C PHE A 569 -9.71 -19.36 3.46
N VAL A 570 -10.74 -20.10 3.85
CA VAL A 570 -11.71 -19.59 4.80
C VAL A 570 -11.02 -19.23 6.11
N ASN A 571 -10.09 -20.07 6.57
CA ASN A 571 -9.37 -19.83 7.81
C ASN A 571 -8.44 -18.63 7.70
N TYR A 572 -7.85 -18.39 6.53
CA TYR A 572 -7.03 -17.20 6.32
C TYR A 572 -7.86 -15.95 6.56
N VAL A 573 -9.10 -15.91 6.04
CA VAL A 573 -9.98 -14.76 6.17
C VAL A 573 -10.49 -14.59 7.61
N ILE A 574 -10.73 -15.65 8.36
CA ILE A 574 -11.11 -15.52 9.77
C ILE A 574 -9.97 -14.91 10.58
N ALA A 575 -8.74 -15.43 10.44
CA ALA A 575 -7.59 -14.83 11.11
C ALA A 575 -7.39 -13.38 10.70
N SER A 576 -7.70 -13.05 9.45
CA SER A 576 -7.57 -11.70 8.94
C SER A 576 -8.66 -10.77 9.51
N ALA A 577 -9.86 -11.28 9.71
CA ALA A 577 -10.97 -10.50 10.24
C ALA A 577 -10.71 -10.09 11.70
N PHE A 578 -10.30 -11.02 12.54
CA PHE A 578 -10.18 -10.79 13.96
C PHE A 578 -8.75 -10.41 14.35
N ILE A 579 -7.80 -11.35 14.35
CA ILE A 579 -6.45 -11.05 14.78
C ILE A 579 -5.85 -9.95 13.89
N GLY A 580 -5.99 -10.07 12.55
CA GLY A 580 -5.43 -9.10 11.62
C GLY A 580 -5.82 -7.67 11.96
N ASN A 581 -7.11 -7.43 12.18
CA ASN A 581 -7.58 -6.10 12.55
C ASN A 581 -7.12 -5.69 13.93
N ALA A 582 -7.09 -6.57 14.93
CA ALA A 582 -6.61 -6.15 16.23
C ALA A 582 -5.16 -5.69 16.15
N MET A 583 -4.33 -6.30 15.29
CA MET A 583 -2.95 -5.88 15.10
C MET A 583 -2.89 -4.52 14.40
N ASP A 584 -3.82 -4.20 13.48
CA ASP A 584 -3.92 -2.87 12.89
C ASP A 584 -4.29 -1.79 13.91
N LEU A 585 -4.96 -2.18 14.99
CA LEU A 585 -5.29 -1.24 16.05
C LEU A 585 -4.12 -1.10 17.02
N LEU A 586 -3.42 -2.21 17.35
CA LEU A 586 -2.32 -2.22 18.31
C LEU A 586 -1.05 -1.58 17.74
N ARG A 587 -0.73 -1.85 16.47
CA ARG A 587 0.47 -1.33 15.80
C ARG A 587 1.72 -1.56 16.64
N ILE A 588 1.89 -2.80 17.13
CA ILE A 588 3.00 -3.12 18.03
C ILE A 588 4.39 -2.90 17.40
N PRO A 589 4.69 -3.13 16.10
CA PRO A 589 5.98 -2.74 15.55
C PRO A 589 6.24 -1.23 15.67
N GLY A 590 5.20 -0.42 15.44
CA GLY A 590 5.24 1.02 15.63
C GLY A 590 5.51 1.41 17.08
N LEU A 591 4.79 0.78 18.02
CA LEU A 591 4.98 1.00 19.46
C LEU A 591 6.41 0.65 19.88
N LEU A 592 6.94 -0.49 19.42
CA LEU A 592 8.28 -0.93 19.75
C LEU A 592 9.34 0.04 19.22
N MET A 593 9.21 0.48 17.95
CA MET A 593 10.15 1.43 17.39
C MET A 593 10.06 2.78 18.14
N TYR A 594 8.85 3.21 18.50
CA TYR A 594 8.64 4.45 19.25
C TYR A 594 9.27 4.39 20.64
N MET A 595 9.11 3.30 21.37
CA MET A 595 9.74 3.17 22.68
C MET A 595 11.26 3.08 22.58
N ILE A 596 11.82 2.43 21.56
CA ILE A 596 13.28 2.32 21.47
C ILE A 596 13.90 3.67 21.10
N ARG A 597 13.25 4.41 20.20
CA ARG A 597 13.67 5.77 19.82
C ARG A 597 13.57 6.71 21.03
N LEU A 598 12.51 6.59 21.83
CA LEU A 598 12.34 7.39 23.03
C LEU A 598 13.46 7.09 24.03
N CYS A 599 13.74 5.80 24.27
CA CYS A 599 14.72 5.39 25.26
C CYS A 599 16.15 5.83 24.89
N LEU A 600 16.47 5.83 23.58
CA LEU A 600 17.79 6.20 23.10
C LEU A 600 17.99 7.72 22.99
N ALA A 601 16.95 8.53 23.23
CA ALA A 601 17.07 9.98 23.18
C ALA A 601 17.93 10.51 24.33
N ARG A 602 18.97 11.30 24.01
CA ARG A 602 20.06 11.59 24.94
C ARG A 602 19.69 12.65 26.00
N SER A 603 18.48 13.25 25.92
CA SER A 603 18.11 14.33 26.83
C SER A 603 16.58 14.44 26.98
N ALA A 604 16.12 15.07 28.07
CA ALA A 604 14.71 15.25 28.34
C ALA A 604 14.01 16.06 27.23
N ALA A 605 14.71 17.09 26.72
CA ALA A 605 14.23 17.89 25.61
C ALA A 605 13.94 17.01 24.39
N GLU A 606 14.88 16.12 24.07
CA GLU A 606 14.78 15.25 22.92
C GLU A 606 13.67 14.21 23.11
N ARG A 607 13.42 13.72 24.33
CA ARG A 607 12.31 12.80 24.56
C ARG A 607 10.97 13.47 24.18
N ARG A 608 10.72 14.70 24.64
CA ARG A 608 9.49 15.39 24.29
C ARG A 608 9.40 15.58 22.78
N ASN A 609 10.52 15.94 22.14
CA ASN A 609 10.63 16.12 20.71
C ASN A 609 10.16 14.87 19.97
N VAL A 610 10.62 13.69 20.41
CA VAL A 610 10.24 12.40 19.85
C VAL A 610 8.74 12.20 19.94
N LYS A 611 8.12 12.50 21.10
CA LYS A 611 6.70 12.24 21.28
C LYS A 611 5.86 13.03 20.29
N ARG A 612 6.21 14.30 20.00
CA ARG A 612 5.44 15.10 19.06
C ARG A 612 5.60 14.59 17.63
N HIS A 613 6.82 14.16 17.26
CA HIS A 613 7.15 13.80 15.89
C HIS A 613 6.65 12.42 15.46
N GLN A 614 6.41 11.46 16.38
CA GLN A 614 6.26 10.08 15.96
C GLN A 614 4.97 9.82 15.16
N ALA A 615 3.90 10.61 15.31
CA ALA A 615 2.68 10.40 14.52
C ALA A 615 2.91 10.58 13.02
N TYR A 616 2.84 9.49 12.23
CA TYR A 616 3.06 9.54 10.78
C TYR A 616 1.82 10.02 10.02
N GLU A 617 1.99 10.26 8.71
CA GLU A 617 0.89 10.37 7.75
C GLU A 617 0.39 8.97 7.39
N PHE A 618 -0.93 8.77 7.28
CA PHE A 618 -1.51 7.45 7.01
C PHE A 618 -1.05 6.90 5.66
N GLN A 619 -0.70 5.61 5.64
CA GLN A 619 -0.10 4.97 4.47
C GLN A 619 -1.17 4.41 3.52
N PHE A 620 -1.83 5.29 2.77
CA PHE A 620 -2.95 4.86 1.93
C PHE A 620 -2.55 3.76 0.94
N GLY A 621 -1.33 3.79 0.42
CA GLY A 621 -0.90 2.79 -0.53
C GLY A 621 -0.83 1.38 0.09
N ALA A 622 -0.30 1.26 1.31
CA ALA A 622 -0.25 -0.02 1.99
C ALA A 622 -1.65 -0.44 2.39
N ALA A 623 -2.47 0.49 2.88
CA ALA A 623 -3.81 0.21 3.36
C ALA A 623 -4.69 -0.38 2.24
N TYR A 624 -4.65 0.21 1.05
CA TYR A 624 -5.29 -0.40 -0.11
C TYR A 624 -4.67 -1.76 -0.45
N ALA A 625 -3.34 -1.90 -0.50
CA ALA A 625 -2.70 -3.12 -0.94
C ALA A 625 -3.14 -4.33 -0.12
N TRP A 626 -3.26 -4.20 1.21
CA TRP A 626 -3.76 -5.27 2.05
C TRP A 626 -5.26 -5.50 1.86
N MET A 627 -6.02 -4.42 1.74
CA MET A 627 -7.46 -4.52 1.62
C MET A 627 -7.86 -5.27 0.34
N MET A 628 -7.50 -4.80 -0.87
CA MET A 628 -7.95 -5.46 -2.08
C MET A 628 -7.36 -6.86 -2.18
N CYS A 629 -6.31 -7.18 -1.43
CA CYS A 629 -5.84 -8.55 -1.39
C CYS A 629 -6.85 -9.50 -0.72
N VAL A 630 -7.40 -9.14 0.45
CA VAL A 630 -8.41 -9.98 1.09
C VAL A 630 -9.68 -10.03 0.24
N PHE A 631 -10.06 -8.92 -0.40
CA PHE A 631 -11.16 -8.90 -1.34
C PHE A 631 -10.89 -9.86 -2.49
N THR A 632 -9.65 -9.92 -3.00
CA THR A 632 -9.34 -10.81 -4.11
C THR A 632 -9.44 -12.30 -3.71
N VAL A 633 -9.00 -12.66 -2.50
CA VAL A 633 -9.17 -14.01 -1.97
C VAL A 633 -10.66 -14.33 -1.85
N VAL A 634 -11.43 -13.46 -1.21
CA VAL A 634 -12.86 -13.67 -0.95
C VAL A 634 -13.62 -13.82 -2.27
N MET A 635 -13.34 -13.00 -3.29
CA MET A 635 -14.15 -13.06 -4.51
C MET A 635 -13.58 -13.97 -5.60
N THR A 636 -12.40 -14.59 -5.42
CA THR A 636 -12.01 -15.72 -6.26
C THR A 636 -12.63 -17.01 -5.72
N TYR A 637 -12.51 -17.22 -4.41
CA TYR A 637 -13.08 -18.39 -3.74
C TYR A 637 -14.59 -18.26 -3.55
N SER A 638 -15.24 -17.24 -4.15
CA SER A 638 -16.64 -16.95 -3.90
C SER A 638 -17.58 -18.00 -4.53
N ILE A 639 -17.43 -18.31 -5.82
CA ILE A 639 -18.30 -19.29 -6.47
C ILE A 639 -17.86 -20.70 -6.06
N THR A 640 -16.55 -20.95 -6.02
CA THR A 640 -16.05 -22.30 -5.82
C THR A 640 -16.19 -22.74 -4.37
N CYS A 641 -16.16 -21.82 -3.41
CA CYS A 641 -16.27 -22.14 -2.01
C CYS A 641 -17.16 -21.13 -1.25
N PRO A 642 -18.50 -21.15 -1.51
CA PRO A 642 -19.43 -20.12 -1.05
C PRO A 642 -19.35 -19.63 0.38
N ILE A 643 -19.04 -20.52 1.32
CA ILE A 643 -19.06 -20.22 2.75
C ILE A 643 -18.09 -19.07 3.09
N ILE A 644 -17.16 -18.72 2.19
CA ILE A 644 -16.11 -17.76 2.49
C ILE A 644 -16.64 -16.32 2.50
N VAL A 645 -17.73 -16.01 1.80
CA VAL A 645 -18.11 -14.62 1.55
C VAL A 645 -18.58 -13.92 2.84
N PRO A 646 -19.49 -14.47 3.70
CA PRO A 646 -19.81 -13.80 4.97
C PRO A 646 -18.59 -13.48 5.84
N PHE A 647 -17.57 -14.34 5.91
CA PHE A 647 -16.35 -13.96 6.65
C PHE A 647 -15.57 -12.86 5.92
N GLY A 648 -15.70 -12.77 4.60
CA GLY A 648 -15.18 -11.66 3.81
C GLY A 648 -15.87 -10.34 4.16
N LEU A 649 -17.19 -10.40 4.37
CA LEU A 649 -17.96 -9.24 4.78
C LEU A 649 -17.58 -8.84 6.21
N MET A 650 -17.54 -9.79 7.15
CA MET A 650 -17.18 -9.54 8.53
C MET A 650 -15.80 -8.91 8.67
N TYR A 651 -14.83 -9.35 7.84
CA TYR A 651 -13.54 -8.68 7.72
C TYR A 651 -13.72 -7.20 7.35
N MET A 652 -14.61 -6.87 6.40
CA MET A 652 -14.78 -5.49 5.98
C MET A 652 -15.49 -4.61 7.00
N LEU A 653 -16.41 -5.13 7.81
CA LEU A 653 -17.00 -4.28 8.82
C LEU A 653 -15.90 -3.94 9.83
N LEU A 654 -15.16 -4.93 10.33
CA LEU A 654 -14.20 -4.69 11.41
C LEU A 654 -13.03 -3.86 10.90
N LYS A 655 -12.57 -4.07 9.66
CA LYS A 655 -11.58 -3.18 9.03
C LYS A 655 -12.11 -1.75 8.93
N HIS A 656 -13.38 -1.56 8.60
CA HIS A 656 -13.91 -0.22 8.42
C HIS A 656 -14.04 0.50 9.76
N LEU A 657 -14.44 -0.17 10.84
CA LEU A 657 -14.42 0.43 12.17
C LEU A 657 -13.01 0.80 12.65
N VAL A 658 -12.03 -0.07 12.40
CA VAL A 658 -10.66 0.15 12.78
C VAL A 658 -10.05 1.29 11.98
N ASP A 659 -10.34 1.42 10.70
CA ASP A 659 -9.78 2.52 9.91
C ASP A 659 -10.43 3.85 10.29
N ARG A 660 -11.70 3.91 10.66
CA ARG A 660 -12.27 5.17 11.10
C ARG A 660 -11.57 5.65 12.36
N TYR A 661 -11.25 4.76 13.30
CA TYR A 661 -10.44 5.10 14.47
C TYR A 661 -9.05 5.56 14.05
N ASN A 662 -8.33 4.76 13.27
CA ASN A 662 -6.94 5.06 12.95
C ASN A 662 -6.82 6.42 12.26
N LEU A 663 -7.65 6.70 11.25
CA LEU A 663 -7.58 7.96 10.51
C LEU A 663 -7.76 9.11 11.48
N TYR A 664 -8.85 9.09 12.25
CA TYR A 664 -9.21 10.25 13.06
C TYR A 664 -8.26 10.41 14.25
N TYR A 665 -8.11 9.36 15.07
CA TYR A 665 -7.40 9.42 16.34
C TYR A 665 -5.88 9.25 16.18
N ALA A 666 -5.42 8.28 15.39
CA ALA A 666 -4.00 7.90 15.43
C ALA A 666 -3.13 8.66 14.45
N TYR A 667 -3.52 8.74 13.18
CA TYR A 667 -2.63 9.28 12.14
C TYR A 667 -2.83 10.77 11.87
N LEU A 668 -1.77 11.41 11.32
CA LEU A 668 -1.86 12.74 10.74
C LEU A 668 -2.50 12.69 9.36
N PRO A 669 -3.12 13.81 8.91
CA PRO A 669 -3.57 13.92 7.52
C PRO A 669 -2.44 13.95 6.49
N ALA A 670 -2.60 13.16 5.43
CA ALA A 670 -1.80 13.30 4.21
C ALA A 670 -2.51 14.22 3.20
N LYS A 671 -1.86 14.44 2.04
CA LYS A 671 -2.48 15.13 0.91
C LYS A 671 -1.91 14.55 -0.40
N LEU A 672 -2.75 13.77 -1.12
CA LEU A 672 -2.34 12.97 -2.26
C LEU A 672 -3.24 13.22 -3.48
N ASP A 673 -2.65 13.29 -4.68
CA ASP A 673 -3.38 13.42 -5.92
C ASP A 673 -4.32 12.23 -6.14
N LYS A 674 -5.48 12.50 -6.78
CA LYS A 674 -6.54 11.55 -7.14
C LYS A 674 -6.01 10.29 -7.84
N LYS A 675 -4.80 10.33 -8.40
CA LYS A 675 -4.19 9.19 -9.05
C LYS A 675 -4.15 7.97 -8.15
N ILE A 676 -3.95 8.12 -6.84
CA ILE A 676 -3.98 6.96 -5.96
C ILE A 676 -5.41 6.40 -5.84
N HIS A 677 -6.39 7.21 -5.42
CA HIS A 677 -7.75 6.75 -5.18
C HIS A 677 -8.35 6.11 -6.45
N SER A 678 -8.10 6.73 -7.60
CA SER A 678 -8.57 6.24 -8.89
C SER A 678 -7.77 5.04 -9.39
N GLY A 679 -6.55 4.87 -8.89
CA GLY A 679 -5.71 3.72 -9.21
C GLY A 679 -6.19 2.45 -8.49
N ALA A 680 -6.51 2.57 -7.19
CA ALA A 680 -7.04 1.47 -6.40
C ALA A 680 -8.32 0.87 -7.00
N VAL A 681 -9.05 1.64 -7.81
CA VAL A 681 -10.24 1.18 -8.50
C VAL A 681 -9.90 0.06 -9.50
N ASN A 682 -8.68 0.04 -10.04
CA ASN A 682 -8.30 -0.97 -11.02
C ASN A 682 -8.27 -2.38 -10.40
N GLN A 683 -7.73 -2.50 -9.19
CA GLN A 683 -7.60 -3.81 -8.57
C GLN A 683 -8.96 -4.36 -8.10
N VAL A 684 -9.96 -3.49 -7.92
CA VAL A 684 -11.30 -3.99 -7.66
C VAL A 684 -11.84 -4.73 -8.89
N VAL A 685 -11.45 -4.33 -10.11
CA VAL A 685 -11.80 -5.10 -11.30
C VAL A 685 -10.93 -6.37 -11.41
N ALA A 686 -9.75 -6.39 -10.79
CA ALA A 686 -8.87 -7.55 -10.90
C ALA A 686 -9.42 -8.78 -10.18
N ALA A 687 -10.22 -8.58 -9.12
CA ALA A 687 -10.78 -9.66 -8.32
C ALA A 687 -11.73 -10.55 -9.13
N PRO A 688 -12.82 -10.04 -9.76
CA PRO A 688 -13.70 -10.90 -10.54
C PRO A 688 -13.04 -11.46 -11.80
N ILE A 689 -12.03 -10.78 -12.38
CA ILE A 689 -11.26 -11.35 -13.48
C ILE A 689 -10.61 -12.66 -13.05
N LEU A 690 -9.93 -12.69 -11.90
CA LEU A 690 -9.33 -13.92 -11.38
C LEU A 690 -10.40 -14.97 -11.06
N CYS A 691 -11.62 -14.57 -10.73
CA CYS A 691 -12.63 -15.58 -10.45
C CYS A 691 -13.08 -16.32 -11.73
N LEU A 692 -13.07 -15.67 -12.91
CA LEU A 692 -13.39 -16.36 -14.14
C LEU A 692 -12.31 -17.35 -14.51
N PHE A 693 -11.02 -17.06 -14.24
CA PHE A 693 -9.97 -18.06 -14.35
C PHE A 693 -10.26 -19.28 -13.45
N TRP A 694 -10.69 -19.07 -12.23
CA TRP A 694 -10.99 -20.18 -11.35
C TRP A 694 -12.16 -21.04 -11.83
N LEU A 695 -13.03 -20.57 -12.75
CA LEU A 695 -14.01 -21.44 -13.36
C LEU A 695 -13.57 -21.97 -14.72
N LEU A 696 -12.73 -21.23 -15.45
CA LEU A 696 -12.16 -21.80 -16.66
C LEU A 696 -11.26 -23.01 -16.31
N PHE A 697 -10.51 -22.95 -15.19
CA PHE A 697 -9.76 -24.11 -14.71
C PHE A 697 -10.71 -25.26 -14.36
N PHE A 698 -11.69 -25.05 -13.48
CA PHE A 698 -12.61 -26.10 -13.05
C PHE A 698 -13.33 -26.72 -14.25
N SER A 699 -13.96 -25.89 -15.07
CA SER A 699 -14.74 -26.37 -16.18
C SER A 699 -13.86 -27.13 -17.19
N THR A 700 -12.64 -26.64 -17.45
CA THR A 700 -11.81 -27.20 -18.51
C THR A 700 -11.20 -28.54 -18.12
N MET A 701 -11.01 -28.80 -16.82
CA MET A 701 -10.44 -30.08 -16.40
C MET A 701 -11.54 -31.15 -16.28
N ARG A 702 -12.79 -30.77 -15.91
CA ARG A 702 -13.87 -31.75 -15.83
C ARG A 702 -14.50 -31.98 -17.21
N THR A 703 -15.11 -30.94 -17.78
CA THR A 703 -15.95 -31.07 -18.98
C THR A 703 -15.12 -31.02 -20.26
N GLY A 704 -13.85 -30.60 -20.19
CA GLY A 704 -13.03 -30.32 -21.36
C GLY A 704 -13.13 -28.86 -21.80
N PHE A 705 -12.17 -28.42 -22.63
CA PHE A 705 -12.06 -27.01 -23.02
C PHE A 705 -13.19 -26.60 -23.96
N LEU A 706 -13.59 -27.52 -24.85
CA LEU A 706 -14.49 -27.21 -25.95
C LEU A 706 -15.96 -27.34 -25.54
N ALA A 707 -16.23 -27.78 -24.30
CA ALA A 707 -17.59 -27.88 -23.76
C ALA A 707 -18.11 -26.49 -23.39
N PRO A 708 -19.44 -26.25 -23.47
CA PRO A 708 -19.99 -24.88 -23.43
C PRO A 708 -19.55 -24.04 -22.24
N THR A 709 -19.59 -24.57 -21.02
CA THR A 709 -19.23 -23.78 -19.85
C THR A 709 -17.77 -23.34 -19.90
N SER A 710 -16.91 -24.13 -20.55
CA SER A 710 -15.49 -23.82 -20.70
C SER A 710 -15.23 -22.79 -21.80
N MET A 711 -16.07 -22.70 -22.83
CA MET A 711 -15.96 -21.66 -23.83
C MET A 711 -16.56 -20.35 -23.34
N PHE A 712 -17.75 -20.39 -22.73
CA PHE A 712 -18.42 -19.15 -22.32
C PHE A 712 -17.53 -18.34 -21.38
N THR A 713 -17.05 -18.97 -20.30
CA THR A 713 -16.21 -18.27 -19.36
C THR A 713 -14.79 -18.09 -19.88
N PHE A 714 -14.57 -18.33 -21.19
CA PHE A 714 -13.31 -17.99 -21.86
C PHE A 714 -13.51 -16.83 -22.84
N VAL A 715 -14.52 -16.85 -23.71
CA VAL A 715 -14.73 -15.73 -24.63
C VAL A 715 -14.98 -14.45 -23.83
N VAL A 716 -15.76 -14.52 -22.74
CA VAL A 716 -15.96 -13.40 -21.82
C VAL A 716 -14.63 -12.86 -21.31
N LEU A 717 -13.72 -13.78 -21.00
CA LEU A 717 -12.43 -13.44 -20.42
C LEU A 717 -11.53 -12.82 -21.48
N VAL A 718 -11.56 -13.32 -22.73
CA VAL A 718 -10.80 -12.75 -23.85
C VAL A 718 -11.25 -11.32 -24.13
N ILE A 719 -12.56 -11.04 -24.15
CA ILE A 719 -13.07 -9.69 -24.27
C ILE A 719 -12.55 -8.83 -23.10
N THR A 720 -12.56 -9.37 -21.88
CA THR A 720 -12.19 -8.59 -20.71
C THR A 720 -10.69 -8.25 -20.68
N ILE A 721 -9.82 -9.20 -21.04
CA ILE A 721 -8.39 -8.95 -21.18
C ILE A 721 -8.16 -7.92 -22.28
N VAL A 722 -8.80 -8.08 -23.45
CA VAL A 722 -8.54 -7.20 -24.59
C VAL A 722 -8.95 -5.77 -24.26
N ILE A 723 -10.18 -5.57 -23.75
CA ILE A 723 -10.68 -4.23 -23.50
C ILE A 723 -9.84 -3.52 -22.43
N CYS A 724 -9.31 -4.25 -21.45
CA CYS A 724 -8.35 -3.70 -20.50
C CYS A 724 -7.06 -3.24 -21.19
N LEU A 725 -6.51 -4.02 -22.13
CA LEU A 725 -5.25 -3.63 -22.75
C LEU A 725 -5.44 -2.48 -23.75
N CYS A 726 -6.66 -2.28 -24.30
CA CYS A 726 -6.95 -1.03 -24.97
C CYS A 726 -7.00 0.13 -23.97
N HIS A 727 -7.66 -0.04 -22.82
CA HIS A 727 -7.65 0.96 -21.76
C HIS A 727 -6.22 1.37 -21.37
N VAL A 728 -5.27 0.42 -21.40
CA VAL A 728 -3.86 0.69 -21.13
C VAL A 728 -3.24 1.61 -22.19
N CYS A 729 -3.74 1.60 -23.43
CA CYS A 729 -3.32 2.57 -24.43
C CYS A 729 -4.01 3.93 -24.23
N PHE A 730 -5.27 3.94 -23.78
CA PHE A 730 -6.00 5.17 -23.52
C PHE A 730 -7.25 4.93 -22.66
N GLY A 731 -7.41 5.71 -21.59
CA GLY A 731 -8.62 5.69 -20.78
C GLY A 731 -9.77 6.49 -21.40
N HIS A 732 -9.91 6.38 -22.74
CA HIS A 732 -10.80 7.24 -23.52
C HIS A 732 -12.19 6.60 -23.69
N PHE A 733 -12.31 5.29 -23.44
CA PHE A 733 -13.61 4.64 -23.39
C PHE A 733 -14.43 5.21 -22.23
N LYS A 734 -15.78 5.18 -22.36
CA LYS A 734 -16.65 5.71 -21.31
C LYS A 734 -17.72 4.69 -20.90
N TYR A 735 -18.47 4.15 -21.87
CA TYR A 735 -19.63 3.30 -21.59
C TYR A 735 -19.17 1.91 -21.11
N LEU A 736 -18.03 1.44 -21.65
CA LEU A 736 -17.37 0.22 -21.20
C LEU A 736 -16.09 0.59 -20.44
N SER A 737 -16.25 0.98 -19.17
CA SER A 737 -15.18 1.51 -18.34
C SER A 737 -15.57 1.46 -16.87
N ALA A 738 -14.62 1.09 -16.01
CA ALA A 738 -14.90 1.06 -14.57
C ALA A 738 -14.87 2.47 -13.96
N HIS A 739 -14.38 3.49 -14.69
CA HIS A 739 -14.32 4.85 -14.18
C HIS A 739 -15.38 5.74 -14.84
N ASN A 740 -16.27 6.28 -14.00
CA ASN A 740 -17.33 7.21 -14.40
C ASN A 740 -17.08 8.53 -13.67
N TYR A 741 -16.86 9.64 -14.41
CA TYR A 741 -16.45 10.91 -13.81
C TYR A 741 -17.34 12.08 -14.21
N LYS A 742 -17.49 13.03 -13.26
CA LYS A 742 -18.12 14.31 -13.50
C LYS A 742 -17.06 15.41 -13.59
N ILE A 743 -17.21 16.31 -14.58
CA ILE A 743 -16.32 17.45 -14.76
C ILE A 743 -16.61 18.52 -13.69
N ALA A 769 2.95 31.20 -4.44
CA ALA A 769 3.78 31.50 -3.24
C ALA A 769 4.18 30.20 -2.51
N LYS A 770 3.44 29.11 -2.75
CA LYS A 770 3.66 27.86 -2.02
C LYS A 770 4.64 26.94 -2.76
N TYR A 771 4.88 27.17 -4.06
CA TYR A 771 5.87 26.41 -4.83
C TYR A 771 7.27 26.99 -4.64
N ILE A 772 7.69 27.08 -3.37
CA ILE A 772 9.06 27.31 -2.97
C ILE A 772 9.35 26.28 -1.88
N ALA A 773 10.57 25.70 -1.91
CA ALA A 773 10.89 24.60 -1.02
C ALA A 773 10.72 25.02 0.44
N GLN A 774 10.34 24.06 1.30
CA GLN A 774 9.73 24.36 2.59
C GLN A 774 10.64 25.25 3.45
N VAL A 775 11.97 25.16 3.26
CA VAL A 775 12.94 25.84 4.10
C VAL A 775 13.80 26.84 3.32
N LEU A 776 13.82 26.79 1.98
CA LEU A 776 14.66 27.65 1.16
C LEU A 776 14.28 29.13 1.39
N GLN A 777 13.01 29.33 1.75
CA GLN A 777 12.41 30.60 2.11
C GLN A 777 13.06 31.22 3.35
N ASP A 778 13.57 30.36 4.25
CA ASP A 778 13.98 30.76 5.59
C ASP A 778 15.52 30.73 5.71
C1 LBN B . 7.13 7.51 -10.18
N1 LBN B . 10.96 10.40 -12.26
P1 LBN B . 7.35 10.06 -9.49
C2 LBN B . 6.57 6.75 -11.37
C3 LBN B . 7.66 6.08 -12.19
C5 LBN B . 3.24 -3.47 -11.99
C6 LBN B . 9.54 10.72 -12.68
O1 LBN B . 6.51 8.82 -10.09
C8 LBN B . 4.23 -4.44 -11.41
C9 LBN B . 8.44 10.04 -11.91
O2 LBN B . 8.62 10.21 -10.47
C11 LBN B . 4.09 -5.81 -12.00
C12 LBN B . 11.35 11.27 -11.18
O3 LBN B . 7.90 9.67 -8.15
C14 LBN B . 5.32 -6.70 -11.87
C15 LBN B . 11.89 10.61 -13.42
O4 LBN B . 6.50 11.28 -9.66
C17 LBN B . 5.02 -8.17 -11.85
C18 LBN B . 11.05 9.00 -11.77
C20 LBN B . 4.08 -8.65 -12.94
C22 LBN B . 3.56 -10.05 -12.75
C23 LBN B . 4.48 -11.17 -13.22
C24 LBN B . 5.74 -11.35 -12.39
C25 LBN B . 8.48 4.00 -11.38
O5 LBN B . 8.44 5.32 -11.23
C26 LBN B . 8.16 3.33 -10.11
O6 LBN B . 8.55 3.43 -12.44
C27 LBN B . 8.04 1.83 -10.24
C28 LBN B . 9.36 1.18 -10.68
C29 LBN B . 9.62 -0.18 -10.05
C30 LBN B . 8.92 -1.31 -10.76
C31 LBN B . 9.28 -2.67 -10.20
C32 LBN B . 8.81 -3.86 -10.98
C33 LBN B . 8.81 -5.15 -10.21
C34 LBN B . 4.53 6.08 -10.29
O7 LBN B . 5.61 5.72 -11.00
C35 LBN B . 3.31 5.28 -10.66
O8 LBN B . 4.56 6.89 -9.40
C36 LBN B . 3.41 3.81 -10.41
C37 LBN B . 3.47 3.00 -11.69
C38 LBN B . 2.67 1.73 -11.63
C39 LBN B . 3.31 0.66 -10.83
C40 LBN B . 4.49 0.01 -11.53
C41 LBN B . 4.56 -1.47 -11.36
C42 LBN B . 3.36 -2.16 -11.93
CAA Y01 C . -29.87 -14.94 2.30
CBA Y01 C . -30.08 -15.36 3.75
CAB Y01 C . -29.32 -14.42 4.68
CAN Y01 C . -29.67 -16.80 3.95
CAJ Y01 C . -30.57 -17.84 3.32
CAO Y01 C . -29.82 -19.07 2.86
CBB Y01 C . -30.59 -20.40 3.00
CAC Y01 C . -31.66 -20.51 1.93
CBE Y01 C . -29.62 -21.58 3.01
CAP Y01 C . -28.28 -21.24 3.72
CAQ Y01 C . -27.72 -22.56 4.30
CBG Y01 C . -28.64 -23.63 3.73
CBI Y01 C . -30.01 -22.94 3.67
CAE Y01 C . -30.59 -22.69 5.07
CAU Y01 C . -30.92 -23.85 2.84
CAS Y01 C . -31.02 -25.25 3.46
CBF Y01 C . -29.66 -25.93 3.68
CBD Y01 C . -28.62 -25.02 4.35
CAK Y01 C . -27.23 -25.65 4.19
CAI Y01 C . -27.26 -27.14 4.35
CAZ Y01 C . -28.35 -27.85 4.60
CAV Y01 C . -28.26 -29.31 5.01
CBH Y01 C . -29.76 -27.29 4.42
CAD Y01 C . -30.39 -27.13 5.83
CAT Y01 C . -30.57 -28.31 3.59
CAR Y01 C . -29.73 -29.44 2.99
CBC Y01 C . -28.99 -30.23 4.05
OAW Y01 C . -29.95 -31.02 4.81
CAY Y01 C . -30.62 -31.96 4.16
OAG Y01 C . -31.81 -31.92 4.11
CAM Y01 C . -29.77 -33.16 3.74
CAL Y01 C . -29.25 -34.05 4.86
CAX Y01 C . -28.73 -35.40 4.39
OAH Y01 C . -27.56 -35.71 4.67
OAF Y01 C . -29.49 -36.13 3.73
CAA Y01 D . -26.08 -11.62 5.64
CBA Y01 D . -24.89 -12.48 5.26
CAB Y01 D . -24.14 -11.87 4.07
CAN Y01 D . -25.31 -13.93 4.98
CAJ Y01 D . -25.72 -14.78 6.19
CAO Y01 D . -25.97 -16.25 5.81
CBB Y01 D . -26.03 -17.28 6.96
CAC Y01 D . -27.41 -17.28 7.61
CBE Y01 D . -25.59 -18.68 6.47
CAP Y01 D . -24.12 -18.65 5.93
CAQ Y01 D . -23.57 -20.09 6.03
CBG Y01 D . -24.73 -20.91 6.55
CBI Y01 D . -25.59 -19.94 7.40
CAE Y01 D . -24.95 -19.60 8.75
CAU Y01 D . -26.93 -20.66 7.60
CAS Y01 D . -26.77 -22.06 8.23
CBF Y01 D . -25.73 -22.98 7.55
CBD Y01 D . -24.43 -22.25 7.23
CAK Y01 D . -23.55 -23.11 6.34
CAI Y01 D . -23.46 -24.53 6.83
CAZ Y01 D . -24.31 -25.09 7.67
CAV Y01 D . -24.14 -26.56 8.02
CBH Y01 D . -25.49 -24.34 8.30
CAD Y01 D . -25.20 -24.11 9.81
CAT Y01 D . -26.75 -25.22 8.18
CAR Y01 D . -26.56 -26.71 8.55
CBC Y01 D . -25.42 -27.34 7.79
OAW Y01 D . -25.27 -28.70 8.27
CAY Y01 D . -24.33 -29.50 7.75
OAG Y01 D . -23.58 -29.16 6.89
CAM Y01 D . -24.38 -30.88 8.35
CAL Y01 D . -25.38 -31.84 7.74
CAX Y01 D . -25.12 -33.30 8.07
OAH Y01 D . -24.12 -33.85 7.56
OAF Y01 D . -25.91 -33.87 8.85
CAA Y01 E . -20.96 -11.82 8.28
CBA Y01 E . -22.05 -11.90 9.33
CAB Y01 E . -21.61 -11.26 10.63
CAN Y01 E . -22.55 -13.36 9.53
CAJ Y01 E . -21.64 -14.32 10.29
CAO Y01 E . -22.20 -15.75 10.33
CBB Y01 E . -21.53 -16.75 11.28
CAC Y01 E . -21.94 -16.51 12.73
CBE Y01 E . -21.82 -18.20 10.79
CAP Y01 E . -21.26 -18.39 9.36
CAQ Y01 E . -20.88 -19.88 9.21
CBG Y01 E . -21.43 -20.52 10.48
CBI Y01 E . -21.29 -19.45 11.58
CAE Y01 E . -19.87 -19.24 12.08
CAU Y01 E . -22.11 -19.95 12.77
CAS Y01 E . -21.72 -21.38 13.19
CBF Y01 E . -21.75 -22.44 12.05
CBD Y01 E . -20.94 -21.92 10.84
CAK Y01 E . -21.08 -22.87 9.64
CAI Y01 E . -20.90 -24.29 10.04
CAZ Y01 E . -20.99 -24.75 11.28
CAV Y01 E . -20.71 -26.21 11.57
CBH Y01 E . -21.38 -23.88 12.49
CAD Y01 E . -20.20 -23.82 13.47
CAT Y01 E . -22.57 -24.61 13.16
CAR Y01 E . -22.29 -26.09 13.50
CBC Y01 E . -21.83 -26.90 12.32
OAW Y01 E . -21.25 -28.17 12.73
CAY Y01 E . -22.02 -29.20 13.12
OAG Y01 E . -23.22 -29.14 13.21
CAM Y01 E . -21.19 -30.42 13.44
CAL Y01 E . -21.12 -31.57 12.42
CAX Y01 E . -20.80 -31.17 10.98
OAH Y01 E . -19.69 -31.46 10.50
OAF Y01 E . -21.70 -30.59 10.34
CAA Y01 F . -26.81 -13.64 -15.67
CBA Y01 F . -28.11 -13.01 -15.17
CAB Y01 F . -27.82 -11.70 -14.43
CAN Y01 F . -28.92 -13.97 -14.28
CAJ Y01 F . -29.70 -15.06 -15.00
CAO Y01 F . -28.98 -16.40 -15.04
CBB Y01 F . -29.72 -17.51 -15.81
CAC Y01 F . -29.56 -17.36 -17.34
CBE Y01 F . -29.30 -18.93 -15.34
CAP Y01 F . -29.34 -19.04 -13.79
CAQ Y01 F . -29.94 -20.41 -13.42
CBG Y01 F . -29.86 -21.19 -14.71
CBI Y01 F . -30.12 -20.15 -15.83
CAE Y01 F . -31.61 -19.77 -15.92
CAU Y01 F . -29.71 -20.82 -17.14
CAS Y01 F . -30.44 -22.15 -17.39
CBF Y01 F . -30.43 -23.13 -16.20
CBD Y01 F . -30.72 -22.45 -14.85
CAK Y01 F . -30.47 -23.41 -13.69
CAI Y01 F . -31.02 -24.77 -13.96
CAZ Y01 F . -31.35 -25.25 -15.16
CAV Y01 F . -31.79 -26.68 -15.31
CBH Y01 F . -31.32 -24.40 -16.44
CAD Y01 F . -32.76 -24.03 -16.81
CAT Y01 F . -30.72 -25.25 -17.60
CAR Y01 F . -31.25 -26.67 -17.68
CBC Y01 F . -31.01 -27.39 -16.39
OAW Y01 F . -31.46 -28.78 -16.47
CAY Y01 F . -30.92 -29.70 -15.64
OAG Y01 F . -30.06 -29.46 -14.84
CAM Y01 F . -31.56 -31.06 -15.82
CAL Y01 F . -31.34 -32.06 -14.68
CAX Y01 F . -31.95 -33.43 -14.93
OAH Y01 F . -31.29 -34.43 -14.59
OAF Y01 F . -33.08 -33.49 -15.45
CAA Y01 G . 2.84 -14.18 -14.53
CBA Y01 G . 1.49 -14.20 -15.22
CAB Y01 G . 1.35 -15.45 -16.09
CAN Y01 G . 1.26 -12.91 -16.03
CAJ Y01 G . 2.35 -12.57 -17.03
CAO Y01 G . 2.11 -11.28 -17.79
CBB Y01 G . 2.58 -10.00 -17.07
CAC Y01 G . 4.10 -9.90 -17.15
CBE Y01 G . 1.87 -8.76 -17.65
CAP Y01 G . 0.35 -9.00 -17.88
CAQ Y01 G . -0.34 -7.64 -17.79
CBG Y01 G . 0.80 -6.64 -17.64
CBI Y01 G . 1.88 -7.41 -16.86
CAE Y01 G . 1.51 -7.65 -15.38
CAU Y01 G . 3.16 -6.57 -16.96
CAS Y01 G . 2.97 -5.14 -16.45
CBF Y01 G . 1.78 -4.39 -17.09
CBD Y01 G . 0.49 -5.25 -17.10
CAK Y01 G . -0.57 -4.56 -17.95
CAI Y01 G . -0.69 -3.10 -17.62
CAZ Y01 G . 0.19 -2.42 -16.90
CAV Y01 G . -0.09 -0.99 -16.48
CBH Y01 G . 1.54 -2.99 -16.47
CAD Y01 G . 1.58 -3.04 -14.94
CAT Y01 G . 2.62 -2.00 -16.98
CAR Y01 G . 2.40 -0.58 -16.49
CBC Y01 G . 1.03 -0.04 -16.82
OAW Y01 G . 0.85 1.15 -15.99
CAY Y01 G . 1.45 2.28 -16.34
OAG Y01 G . 1.97 3.01 -15.55
CAM Y01 G . 1.22 2.66 -17.80
CAL Y01 G . -0.24 2.89 -18.21
CAX Y01 G . -0.87 4.15 -17.63
OAH Y01 G . -1.02 4.21 -16.39
OAF Y01 G . -1.20 5.06 -18.41
CAA Y01 H . -4.41 -16.85 -12.65
CBA Y01 H . -3.76 -16.57 -13.98
CAB Y01 H . -2.51 -17.43 -14.13
CAN Y01 H . -3.45 -15.08 -14.11
CAJ Y01 H . -2.46 -14.53 -13.09
CAO Y01 H . -1.96 -13.16 -13.47
CBB Y01 H . -1.49 -12.27 -12.31
CAC Y01 H . 0.02 -12.14 -12.34
CBE Y01 H . -2.23 -10.91 -12.40
CAP Y01 H . -3.70 -11.04 -11.90
CAQ Y01 H . -4.11 -9.63 -11.43
CBG Y01 H . -2.94 -8.75 -11.86
CBI Y01 H . -1.71 -9.65 -11.67
CAE Y01 H . -1.42 -9.95 -10.19
CAU Y01 H . -0.52 -8.93 -12.33
CAS Y01 H . -0.36 -7.49 -11.82
CBF Y01 H . -1.65 -6.65 -11.99
CBD Y01 H . -2.84 -7.34 -11.31
CAK Y01 H . -4.12 -6.57 -11.57
CAI Y01 H . -3.95 -5.09 -11.54
CAZ Y01 H . -2.79 -4.44 -11.48
CAV Y01 H . -2.76 -2.94 -11.37
CBH Y01 H . -1.46 -5.18 -11.51
CAD Y01 H . -0.86 -5.11 -10.10
CAT Y01 H . -0.52 -4.47 -12.50
CAR Y01 H . -0.47 -2.96 -12.27
CBC Y01 H . -1.84 -2.37 -12.42
OAW Y01 H . -1.64 -0.93 -12.29
CAY Y01 H . -2.55 -0.09 -12.77
OAG Y01 H . -3.68 -0.05 -12.41
CAM Y01 H . -2.04 0.54 -14.02
CAL Y01 H . -2.30 2.00 -14.15
CAX Y01 H . -1.75 2.81 -12.99
OAH Y01 H . -0.86 3.67 -13.25
OAF Y01 H . -2.21 2.60 -11.85
CAA Y01 I . -31.31 -13.62 -9.12
CBA Y01 I . -30.74 -13.03 -10.40
CAB Y01 I . -29.27 -13.41 -10.56
CAN Y01 I . -30.93 -11.51 -10.46
CAJ Y01 I . -30.27 -10.68 -9.37
CAO Y01 I . -30.50 -9.17 -9.53
CBB Y01 I . -29.65 -8.26 -8.62
CAC Y01 I . -28.19 -8.24 -9.07
CBE Y01 I . -30.25 -6.82 -8.54
CAP Y01 I . -31.75 -6.84 -8.11
CAQ Y01 I . -32.02 -5.54 -7.32
CBG Y01 I . -30.74 -4.73 -7.47
CBI Y01 I . -29.61 -5.78 -7.57
CAE Y01 I . -29.29 -6.46 -6.23
CAU Y01 I . -28.38 -5.02 -8.09
CAS Y01 I . -27.99 -3.86 -7.16
CBF Y01 I . -29.14 -2.87 -6.87
CBD Y01 I . -30.45 -3.60 -6.48
CAK Y01 I . -31.59 -2.57 -6.43
CAI Y01 I . -31.22 -1.31 -5.73
CAZ Y01 I . -29.98 -0.91 -5.46
CAV Y01 I . -29.70 0.38 -4.71
CBH Y01 I . -28.75 -1.72 -5.89
CAD Y01 I . -28.06 -2.28 -4.63
CAT Y01 I . -27.79 -0.75 -6.60
CAR Y01 I . -27.45 0.50 -5.76
CBC Y01 I . -28.66 1.28 -5.37
OAW Y01 I . -28.20 2.27 -4.41
CAY Y01 I . -28.92 3.36 -4.06
OAG Y01 I . -28.75 3.95 -3.02
CAM Y01 I . -29.86 3.87 -5.13
CAL Y01 I . -30.42 5.27 -4.91
CAX Y01 I . -29.35 6.35 -4.69
OAH Y01 I . -28.34 6.32 -5.40
OAF Y01 I . -29.56 7.21 -3.79
#